data_1RYU
#
_entry.id   1RYU
#
_entity_poly.entity_id   1
_entity_poly.type   'polypeptide(L)'
_entity_poly.pdbx_seq_one_letter_code
;SSTTTNEKITKLYELGGEPERKMWVDRYLAFTEEKAMGMTNLPAVGRKPLDLYRLYVSVKEIGGLTQVNKNKKWRELATN
LNVGTSSSAASSLKKQYIQCLYAFECKIERGEDPPPDIFA
;
_entity_poly.pdbx_strand_id   A
#
# COMPACT_ATOMS: atom_id res chain seq x y z
N SER A 1 1.48 5.97 -20.86
CA SER A 1 0.21 5.81 -20.10
C SER A 1 0.49 5.40 -18.66
N SER A 2 -0.57 5.32 -17.86
CA SER A 2 -0.45 4.95 -16.46
C SER A 2 0.27 3.63 -16.30
N THR A 3 -0.45 2.54 -16.55
CA THR A 3 0.10 1.20 -16.44
C THR A 3 0.68 0.95 -15.06
N THR A 4 1.34 -0.19 -14.90
CA THR A 4 1.94 -0.57 -13.62
C THR A 4 3.46 -0.60 -13.72
N THR A 5 4.12 -0.28 -12.61
CA THR A 5 5.57 -0.28 -12.56
C THR A 5 6.10 -1.68 -12.89
N ASN A 6 7.30 -1.76 -13.44
CA ASN A 6 7.91 -3.04 -13.79
C ASN A 6 8.24 -3.85 -12.55
N GLU A 7 7.89 -3.32 -11.38
CA GLU A 7 8.16 -4.01 -10.11
C GLU A 7 6.97 -4.86 -9.67
N LYS A 8 7.12 -6.17 -9.78
CA LYS A 8 6.08 -7.11 -9.37
C LYS A 8 6.01 -7.17 -7.85
N ILE A 9 7.17 -7.38 -7.23
CA ILE A 9 7.27 -7.46 -5.78
C ILE A 9 7.27 -6.08 -5.14
N THR A 10 7.64 -6.02 -3.87
CA THR A 10 7.68 -4.75 -3.13
C THR A 10 8.60 -4.85 -1.92
N LYS A 11 8.81 -6.06 -1.42
CA LYS A 11 9.68 -6.28 -0.28
C LYS A 11 11.09 -5.77 -0.58
N LEU A 12 11.35 -5.56 -1.87
CA LEU A 12 12.65 -5.10 -2.34
C LEU A 12 13.05 -3.74 -1.75
N TYR A 13 12.15 -2.76 -1.76
CA TYR A 13 12.48 -1.42 -1.25
C TYR A 13 12.65 -1.40 0.27
N GLU A 14 12.71 -2.57 0.88
CA GLU A 14 12.91 -2.67 2.32
C GLU A 14 13.38 -4.07 2.70
N LEU A 15 14.69 -4.20 2.91
CA LEU A 15 15.28 -5.48 3.25
C LEU A 15 15.68 -5.52 4.73
N GLY A 16 15.88 -4.34 5.31
CA GLY A 16 16.28 -4.26 6.71
C GLY A 16 15.65 -3.09 7.43
N GLY A 17 15.15 -3.34 8.63
CA GLY A 17 14.53 -2.29 9.42
C GLY A 17 13.02 -2.42 9.48
N GLU A 18 12.43 -3.02 8.45
CA GLU A 18 10.98 -3.21 8.42
C GLU A 18 10.62 -4.68 8.22
N PRO A 19 10.88 -5.53 9.24
CA PRO A 19 10.58 -6.96 9.16
C PRO A 19 9.08 -7.23 9.24
N GLU A 20 8.36 -6.35 9.91
CA GLU A 20 6.92 -6.49 10.06
C GLU A 20 6.21 -6.16 8.76
N ARG A 21 6.56 -5.03 8.16
CA ARG A 21 5.95 -4.58 6.92
C ARG A 21 6.42 -5.41 5.73
N LYS A 22 7.69 -5.82 5.74
CA LYS A 22 8.23 -6.62 4.65
C LYS A 22 7.55 -7.99 4.63
N MET A 23 7.10 -8.43 5.80
CA MET A 23 6.42 -9.71 5.92
C MET A 23 5.01 -9.61 5.38
N TRP A 24 4.26 -8.63 5.89
CA TRP A 24 2.89 -8.41 5.44
C TRP A 24 2.85 -8.09 3.95
N VAL A 25 3.85 -7.36 3.49
CA VAL A 25 3.93 -7.00 2.08
C VAL A 25 4.29 -8.23 1.24
N ASP A 26 5.11 -9.11 1.81
CA ASP A 26 5.51 -10.33 1.13
C ASP A 26 4.33 -11.29 1.06
N ARG A 27 3.49 -11.24 2.09
CA ARG A 27 2.30 -12.08 2.16
C ARG A 27 1.27 -11.61 1.15
N TYR A 28 1.17 -10.29 1.02
CA TYR A 28 0.22 -9.69 0.08
C TYR A 28 0.55 -10.15 -1.34
N LEU A 29 1.83 -10.28 -1.62
CA LEU A 29 2.28 -10.72 -2.93
C LEU A 29 2.04 -12.22 -3.09
N ALA A 30 2.27 -12.96 -2.00
CA ALA A 30 2.03 -14.39 -2.00
C ALA A 30 0.54 -14.66 -2.07
N PHE A 31 -0.24 -13.61 -1.76
CA PHE A 31 -1.68 -13.68 -1.79
C PHE A 31 -2.19 -13.51 -3.22
N THR A 32 -1.55 -12.61 -3.96
CA THR A 32 -1.93 -12.36 -5.35
C THR A 32 -1.58 -13.56 -6.22
N GLU A 33 -0.46 -14.21 -5.89
CA GLU A 33 -0.01 -15.39 -6.62
C GLU A 33 -0.83 -16.61 -6.23
N GLU A 34 -1.36 -16.57 -5.01
CA GLU A 34 -2.16 -17.67 -4.48
C GLU A 34 -3.36 -17.96 -5.39
N LYS A 35 -4.10 -16.92 -5.75
CA LYS A 35 -5.26 -17.08 -6.61
C LYS A 35 -4.89 -16.87 -8.07
N ALA A 36 -3.59 -16.80 -8.35
CA ALA A 36 -3.10 -16.59 -9.71
C ALA A 36 -3.72 -15.32 -10.31
N MET A 37 -4.10 -14.40 -9.43
CA MET A 37 -4.71 -13.15 -9.85
C MET A 37 -3.77 -12.35 -10.75
N GLY A 38 -2.47 -12.57 -10.59
CA GLY A 38 -1.50 -11.86 -11.40
C GLY A 38 -0.07 -12.08 -10.93
N MET A 39 0.61 -13.02 -11.58
CA MET A 39 2.00 -13.34 -11.24
C MET A 39 2.91 -12.17 -11.60
N THR A 40 2.34 -11.15 -12.24
CA THR A 40 3.08 -9.97 -12.64
C THR A 40 2.66 -8.76 -11.81
N ASN A 41 3.29 -7.62 -12.04
CA ASN A 41 2.97 -6.40 -11.31
C ASN A 41 1.54 -5.97 -11.59
N LEU A 42 0.81 -5.61 -10.54
CA LEU A 42 -0.57 -5.19 -10.66
C LEU A 42 -0.89 -4.01 -9.72
N PRO A 43 -0.58 -4.13 -8.40
CA PRO A 43 -0.86 -3.06 -7.44
C PRO A 43 0.19 -1.94 -7.49
N ALA A 44 0.79 -1.73 -8.67
CA ALA A 44 1.80 -0.69 -8.83
C ALA A 44 1.18 0.57 -9.42
N VAL A 45 1.76 1.72 -9.07
CA VAL A 45 1.25 3.00 -9.57
C VAL A 45 2.12 3.55 -10.70
N GLY A 46 1.82 4.78 -11.10
CA GLY A 46 2.56 5.41 -12.18
C GLY A 46 4.07 5.35 -12.02
N ARG A 47 4.61 6.12 -11.09
CA ARG A 47 6.06 6.16 -10.87
C ARG A 47 6.53 4.97 -10.02
N LYS A 48 6.63 5.19 -8.71
CA LYS A 48 7.09 4.14 -7.80
C LYS A 48 6.18 2.91 -7.87
N PRO A 49 6.67 1.74 -7.38
CA PRO A 49 5.89 0.51 -7.40
C PRO A 49 4.67 0.56 -6.47
N LEU A 50 4.53 -0.43 -5.59
CA LEU A 50 3.39 -0.49 -4.68
C LEU A 50 3.47 0.60 -3.61
N ASP A 51 4.60 0.68 -2.92
CA ASP A 51 4.78 1.67 -1.85
C ASP A 51 3.74 1.45 -0.76
N LEU A 52 3.42 0.18 -0.51
CA LEU A 52 2.43 -0.18 0.50
C LEU A 52 2.79 0.40 1.86
N TYR A 53 4.07 0.35 2.21
CA TYR A 53 4.53 0.88 3.49
C TYR A 53 4.28 2.38 3.57
N ARG A 54 4.69 3.10 2.53
CA ARG A 54 4.51 4.54 2.49
C ARG A 54 3.02 4.89 2.39
N LEU A 55 2.24 3.96 1.86
CA LEU A 55 0.80 4.15 1.70
C LEU A 55 0.08 3.75 2.98
N TYR A 56 0.72 2.90 3.77
CA TYR A 56 0.15 2.43 5.02
C TYR A 56 0.33 3.48 6.11
N VAL A 57 1.46 4.16 6.08
CA VAL A 57 1.75 5.21 7.05
C VAL A 57 1.03 6.49 6.67
N SER A 58 0.74 6.64 5.38
CA SER A 58 0.04 7.81 4.88
C SER A 58 -1.46 7.69 5.12
N VAL A 59 -2.00 6.48 4.90
CA VAL A 59 -3.42 6.24 5.10
C VAL A 59 -3.79 6.41 6.57
N LYS A 60 -2.86 6.05 7.47
CA LYS A 60 -3.10 6.17 8.89
C LYS A 60 -3.18 7.65 9.28
N GLU A 61 -2.25 8.44 8.74
CA GLU A 61 -2.23 9.87 9.02
C GLU A 61 -3.42 10.55 8.36
N ILE A 62 -3.86 9.97 7.24
CA ILE A 62 -4.99 10.51 6.50
C ILE A 62 -6.24 10.54 7.39
N GLY A 63 -6.44 9.47 8.15
CA GLY A 63 -7.59 9.39 9.03
C GLY A 63 -8.18 7.99 9.09
N GLY A 64 -7.87 7.18 8.08
CA GLY A 64 -8.38 5.82 8.04
C GLY A 64 -8.69 5.36 6.63
N LEU A 65 -9.48 4.29 6.52
CA LEU A 65 -9.85 3.75 5.21
C LEU A 65 -11.13 4.39 4.70
N THR A 66 -11.96 4.87 5.61
CA THR A 66 -13.22 5.51 5.25
C THR A 66 -12.98 6.95 4.81
N GLN A 67 -11.91 7.54 5.33
CA GLN A 67 -11.56 8.92 4.99
C GLN A 67 -11.11 9.01 3.54
N VAL A 68 -10.38 7.99 3.08
CA VAL A 68 -9.88 7.96 1.71
C VAL A 68 -11.01 7.58 0.74
N ASN A 69 -12.24 7.64 1.21
CA ASN A 69 -13.38 7.28 0.37
C ASN A 69 -14.34 8.45 0.20
N LYS A 70 -14.15 9.52 0.98
CA LYS A 70 -15.02 10.68 0.89
C LYS A 70 -14.33 11.97 1.29
N ASN A 71 -13.02 11.91 1.53
CA ASN A 71 -12.26 13.09 1.93
C ASN A 71 -11.32 13.52 0.82
N LYS A 72 -11.55 13.01 -0.39
CA LYS A 72 -10.73 13.33 -1.55
C LYS A 72 -9.25 13.10 -1.25
N LYS A 73 -8.98 12.11 -0.40
CA LYS A 73 -7.61 11.79 -0.02
C LYS A 73 -6.93 10.95 -1.11
N TRP A 74 -7.69 10.55 -2.11
CA TRP A 74 -7.13 9.76 -3.21
C TRP A 74 -6.08 10.58 -3.94
N ARG A 75 -6.35 11.87 -4.09
CA ARG A 75 -5.44 12.77 -4.76
C ARG A 75 -4.30 13.17 -3.82
N GLU A 76 -4.58 13.09 -2.52
CA GLU A 76 -3.58 13.41 -1.50
C GLU A 76 -2.47 12.37 -1.50
N LEU A 77 -2.84 11.11 -1.27
CA LEU A 77 -1.88 10.02 -1.25
C LEU A 77 -1.17 9.94 -2.61
N ALA A 78 -1.88 10.34 -3.65
CA ALA A 78 -1.32 10.34 -4.99
C ALA A 78 -0.20 11.36 -5.10
N THR A 79 -0.39 12.49 -4.41
CA THR A 79 0.61 13.55 -4.41
C THR A 79 1.76 13.21 -3.47
N ASN A 80 1.46 12.45 -2.42
CA ASN A 80 2.46 12.06 -1.43
C ASN A 80 3.44 11.07 -2.03
N LEU A 81 2.98 10.24 -2.96
CA LEU A 81 3.82 9.24 -3.59
C LEU A 81 4.28 9.70 -4.98
N ASN A 82 3.93 10.93 -5.33
CA ASN A 82 4.30 11.50 -6.64
C ASN A 82 3.84 10.58 -7.77
N VAL A 83 2.67 10.84 -8.32
CA VAL A 83 2.14 10.03 -9.41
C VAL A 83 1.55 10.90 -10.51
N GLY A 84 1.09 12.10 -10.15
CA GLY A 84 0.51 13.01 -11.12
C GLY A 84 -0.25 14.14 -10.48
N THR A 85 -1.18 13.80 -9.59
CA THR A 85 -2.00 14.79 -8.87
C THR A 85 -2.87 15.61 -9.83
N SER A 86 -2.82 15.26 -11.11
CA SER A 86 -3.60 15.98 -12.12
C SER A 86 -5.09 15.70 -11.96
N SER A 87 -5.53 14.54 -12.43
CA SER A 87 -6.93 14.16 -12.34
C SER A 87 -7.08 12.65 -12.39
N SER A 88 -6.58 12.05 -13.46
CA SER A 88 -6.64 10.61 -13.64
C SER A 88 -5.76 9.92 -12.59
N ALA A 89 -4.83 10.67 -12.03
CA ALA A 89 -3.92 10.14 -11.01
C ALA A 89 -4.69 9.78 -9.74
N ALA A 90 -5.69 10.58 -9.42
CA ALA A 90 -6.50 10.35 -8.23
C ALA A 90 -7.40 9.13 -8.43
N SER A 91 -8.01 9.04 -9.60
CA SER A 91 -8.90 7.92 -9.92
C SER A 91 -8.10 6.63 -10.02
N SER A 92 -6.88 6.73 -10.56
CA SER A 92 -6.01 5.57 -10.71
C SER A 92 -5.51 5.11 -9.35
N LEU A 93 -5.04 6.06 -8.55
CA LEU A 93 -4.54 5.77 -7.22
C LEU A 93 -5.67 5.30 -6.32
N LYS A 94 -6.89 5.65 -6.69
CA LYS A 94 -8.07 5.26 -5.94
C LYS A 94 -8.30 3.76 -6.09
N LYS A 95 -8.18 3.27 -7.31
CA LYS A 95 -8.37 1.86 -7.59
C LYS A 95 -7.14 1.07 -7.17
N GLN A 96 -5.98 1.72 -7.20
CA GLN A 96 -4.73 1.08 -6.80
C GLN A 96 -4.65 1.00 -5.27
N TYR A 97 -5.27 1.98 -4.61
CA TYR A 97 -5.28 2.03 -3.16
C TYR A 97 -6.15 0.90 -2.61
N ILE A 98 -7.32 0.71 -3.21
CA ILE A 98 -8.23 -0.34 -2.78
C ILE A 98 -7.70 -1.70 -3.21
N GLN A 99 -6.98 -1.73 -4.33
CA GLN A 99 -6.41 -2.97 -4.83
C GLN A 99 -5.30 -3.45 -3.90
N CYS A 100 -4.50 -2.49 -3.44
CA CYS A 100 -3.39 -2.78 -2.52
C CYS A 100 -3.90 -3.14 -1.13
N LEU A 101 -4.70 -2.24 -0.56
CA LEU A 101 -5.25 -2.45 0.77
C LEU A 101 -6.62 -3.13 0.70
N TYR A 102 -7.65 -2.52 1.28
CA TYR A 102 -9.00 -3.08 1.29
C TYR A 102 -8.99 -4.47 1.93
N ALA A 103 -8.76 -5.51 1.12
CA ALA A 103 -8.70 -6.87 1.62
C ALA A 103 -7.55 -6.97 2.62
N PHE A 104 -6.52 -6.21 2.34
CA PHE A 104 -5.33 -6.16 3.19
C PHE A 104 -5.61 -5.32 4.43
N GLU A 105 -6.55 -4.39 4.30
CA GLU A 105 -6.93 -3.53 5.40
C GLU A 105 -7.46 -4.39 6.55
N CYS A 106 -8.20 -5.44 6.19
CA CYS A 106 -8.74 -6.37 7.17
C CYS A 106 -7.65 -7.37 7.56
N LYS A 107 -6.63 -7.47 6.72
CA LYS A 107 -5.51 -8.37 6.95
C LYS A 107 -4.35 -7.59 7.61
N ILE A 108 -4.67 -6.44 8.18
CA ILE A 108 -3.68 -5.62 8.85
C ILE A 108 -4.24 -4.99 10.12
N GLU A 109 -5.56 -4.88 10.18
CA GLU A 109 -6.23 -4.29 11.33
C GLU A 109 -7.11 -5.31 12.06
N ARG A 110 -7.96 -6.00 11.31
CA ARG A 110 -8.86 -6.99 11.88
C ARG A 110 -8.14 -8.29 12.17
N GLY A 111 -7.97 -8.61 13.45
CA GLY A 111 -7.27 -9.82 13.84
C GLY A 111 -5.79 -9.57 14.00
N GLU A 112 -5.21 -8.83 13.06
CA GLU A 112 -3.80 -8.51 13.12
C GLU A 112 -3.53 -7.73 14.38
N ASP A 113 -4.47 -6.85 14.72
CA ASP A 113 -4.34 -6.07 15.93
C ASP A 113 -4.15 -7.07 17.06
N PRO A 114 -3.03 -6.95 17.81
CA PRO A 114 -2.71 -7.86 18.89
C PRO A 114 -3.94 -8.54 19.46
N PRO A 115 -4.16 -9.83 19.09
CA PRO A 115 -5.31 -10.59 19.55
C PRO A 115 -5.75 -10.13 20.93
N PRO A 116 -6.76 -9.24 20.98
CA PRO A 116 -7.27 -8.70 22.24
C PRO A 116 -7.98 -9.79 23.00
N ASP A 117 -7.23 -10.80 23.41
CA ASP A 117 -7.80 -11.94 24.08
C ASP A 117 -8.95 -12.44 23.22
N ILE A 118 -8.92 -12.03 21.96
CA ILE A 118 -9.93 -12.39 21.00
C ILE A 118 -10.04 -13.90 20.95
N PHE A 119 -10.81 -14.45 21.87
CA PHE A 119 -10.98 -15.89 21.97
C PHE A 119 -9.62 -16.51 22.17
N ALA A 120 -8.69 -15.68 22.60
CA ALA A 120 -7.31 -16.09 22.83
C ALA A 120 -6.53 -14.94 23.45
N SER A 1 -2.90 6.72 -18.20
CA SER A 1 -4.00 6.09 -17.44
C SER A 1 -3.56 5.72 -16.02
N SER A 2 -2.73 4.68 -15.94
CA SER A 2 -2.22 4.22 -14.65
C SER A 2 -0.73 3.88 -14.75
N THR A 3 -0.38 3.17 -15.82
CA THR A 3 1.02 2.77 -16.06
C THR A 3 1.63 2.10 -14.83
N THR A 4 1.51 0.78 -14.77
CA THR A 4 2.05 0.02 -13.64
C THR A 4 3.55 -0.15 -13.79
N THR A 5 4.29 0.18 -12.73
CA THR A 5 5.74 0.06 -12.73
C THR A 5 6.16 -1.36 -13.08
N ASN A 6 7.34 -1.48 -13.70
CA ASN A 6 7.87 -2.78 -14.10
C ASN A 6 8.14 -3.66 -12.89
N GLU A 7 7.94 -3.10 -11.70
CA GLU A 7 8.17 -3.84 -10.46
C GLU A 7 6.91 -4.57 -10.02
N LYS A 8 6.96 -5.89 -10.06
CA LYS A 8 5.84 -6.73 -9.65
C LYS A 8 5.84 -6.92 -8.14
N ILE A 9 7.02 -7.12 -7.59
CA ILE A 9 7.18 -7.34 -6.16
C ILE A 9 7.18 -6.02 -5.39
N THR A 10 7.57 -6.08 -4.11
CA THR A 10 7.60 -4.89 -3.27
C THR A 10 8.31 -5.16 -1.93
N LYS A 11 8.70 -6.40 -1.69
CA LYS A 11 9.41 -6.73 -0.45
C LYS A 11 10.71 -5.95 -0.39
N LEU A 12 11.20 -5.57 -1.55
CA LEU A 12 12.43 -4.79 -1.68
C LEU A 12 12.33 -3.51 -0.86
N TYR A 13 11.11 -2.97 -0.77
CA TYR A 13 10.85 -1.74 -0.03
C TYR A 13 11.39 -1.80 1.40
N GLU A 14 11.52 -3.00 1.93
CA GLU A 14 12.00 -3.18 3.30
C GLU A 14 13.32 -3.94 3.32
N LEU A 15 13.24 -5.24 3.08
CA LEU A 15 14.40 -6.11 3.08
C LEU A 15 15.07 -6.15 4.45
N GLY A 16 15.87 -5.13 4.74
CA GLY A 16 16.55 -5.07 6.03
C GLY A 16 16.15 -3.85 6.84
N GLY A 17 15.32 -4.06 7.86
CA GLY A 17 14.87 -2.96 8.69
C GLY A 17 13.39 -3.07 9.04
N GLU A 18 12.62 -3.60 8.10
CA GLU A 18 11.17 -3.76 8.30
C GLU A 18 10.71 -5.14 7.84
N PRO A 19 11.09 -6.20 8.59
CA PRO A 19 10.69 -7.56 8.27
C PRO A 19 9.18 -7.74 8.40
N GLU A 20 8.59 -6.96 9.30
CA GLU A 20 7.16 -7.01 9.52
C GLU A 20 6.42 -6.39 8.33
N ARG A 21 6.90 -5.23 7.88
CA ARG A 21 6.28 -4.56 6.75
C ARG A 21 6.54 -5.32 5.46
N LYS A 22 7.72 -5.93 5.35
CA LYS A 22 8.07 -6.70 4.17
C LYS A 22 7.26 -7.99 4.17
N MET A 23 6.99 -8.51 5.36
CA MET A 23 6.22 -9.73 5.49
C MET A 23 4.78 -9.46 5.06
N TRP A 24 4.20 -8.38 5.56
CA TRP A 24 2.83 -8.01 5.23
C TRP A 24 2.73 -7.71 3.73
N VAL A 25 3.66 -6.91 3.22
CA VAL A 25 3.67 -6.58 1.82
C VAL A 25 3.79 -7.88 1.03
N ASP A 26 4.56 -8.82 1.59
CA ASP A 26 4.75 -10.13 0.98
C ASP A 26 3.44 -10.91 1.02
N ARG A 27 2.65 -10.68 2.08
CA ARG A 27 1.36 -11.35 2.21
C ARG A 27 0.46 -10.92 1.06
N TYR A 28 0.49 -9.62 0.78
CA TYR A 28 -0.31 -9.06 -0.30
C TYR A 28 0.11 -9.67 -1.63
N LEU A 29 1.42 -9.74 -1.86
CA LEU A 29 1.94 -10.30 -3.10
C LEU A 29 1.59 -11.78 -3.20
N ALA A 30 1.74 -12.50 -2.09
CA ALA A 30 1.41 -13.91 -2.06
C ALA A 30 -0.07 -14.12 -2.33
N PHE A 31 -0.87 -13.15 -1.89
CA PHE A 31 -2.31 -13.20 -2.07
C PHE A 31 -2.65 -13.06 -3.56
N THR A 32 -2.02 -12.09 -4.22
CA THR A 32 -2.27 -11.86 -5.64
C THR A 32 -1.84 -13.08 -6.45
N GLU A 33 -0.71 -13.66 -6.08
CA GLU A 33 -0.21 -14.85 -6.77
C GLU A 33 -1.08 -16.05 -6.46
N GLU A 34 -1.66 -16.06 -5.26
CA GLU A 34 -2.53 -17.14 -4.82
C GLU A 34 -3.71 -17.33 -5.77
N LYS A 35 -4.21 -16.21 -6.31
CA LYS A 35 -5.33 -16.26 -7.23
C LYS A 35 -4.85 -16.31 -8.69
N ALA A 36 -3.54 -16.43 -8.86
CA ALA A 36 -2.96 -16.46 -10.20
C ALA A 36 -3.41 -15.22 -10.97
N MET A 37 -3.53 -14.12 -10.24
CA MET A 37 -3.97 -12.85 -10.81
C MET A 37 -3.10 -12.42 -11.98
N GLY A 38 -1.94 -13.06 -12.13
CA GLY A 38 -1.05 -12.73 -13.23
C GLY A 38 0.42 -12.85 -12.84
N MET A 39 0.70 -12.74 -11.54
CA MET A 39 2.07 -12.81 -11.04
C MET A 39 2.92 -11.67 -11.56
N THR A 40 2.28 -10.72 -12.24
CA THR A 40 2.97 -9.56 -12.79
C THR A 40 2.76 -8.34 -11.89
N ASN A 41 3.02 -7.15 -12.40
CA ASN A 41 2.87 -5.94 -11.60
C ASN A 41 1.48 -5.35 -11.78
N LEU A 42 0.82 -5.09 -10.66
CA LEU A 42 -0.53 -4.51 -10.68
C LEU A 42 -0.63 -3.34 -9.68
N PRO A 43 -0.32 -3.59 -8.39
CA PRO A 43 -0.38 -2.54 -7.34
C PRO A 43 0.72 -1.49 -7.51
N ALA A 44 1.12 -1.21 -8.75
CA ALA A 44 2.17 -0.24 -9.02
C ALA A 44 1.60 1.05 -9.60
N VAL A 45 2.19 2.18 -9.20
CA VAL A 45 1.74 3.48 -9.68
C VAL A 45 2.80 4.14 -10.56
N GLY A 46 2.34 5.00 -11.47
CA GLY A 46 3.22 5.70 -12.40
C GLY A 46 4.66 5.79 -11.94
N ARG A 47 4.90 6.52 -10.85
CA ARG A 47 6.26 6.68 -10.32
C ARG A 47 6.77 5.38 -9.71
N LYS A 48 7.15 5.43 -8.43
CA LYS A 48 7.67 4.25 -7.73
C LYS A 48 6.68 3.09 -7.85
N PRO A 49 7.16 1.84 -7.70
CA PRO A 49 6.33 0.64 -7.78
C PRO A 49 5.11 0.70 -6.87
N LEU A 50 5.19 0.00 -5.73
CA LEU A 50 4.09 -0.01 -4.78
C LEU A 50 4.48 0.81 -3.54
N ASP A 51 4.14 2.09 -3.54
CA ASP A 51 4.45 2.95 -2.40
C ASP A 51 3.46 2.66 -1.27
N LEU A 52 3.27 1.38 -0.99
CA LEU A 52 2.33 0.94 0.04
C LEU A 52 2.68 1.45 1.42
N TYR A 53 3.93 1.32 1.82
CA TYR A 53 4.31 1.74 3.17
C TYR A 53 4.08 3.23 3.35
N ARG A 54 4.49 4.03 2.37
CA ARG A 54 4.29 5.47 2.42
C ARG A 54 2.80 5.73 2.33
N LEU A 55 2.13 4.81 1.64
CA LEU A 55 0.69 4.88 1.45
C LEU A 55 -0.03 4.60 2.74
N TYR A 56 0.55 3.72 3.55
CA TYR A 56 -0.02 3.34 4.83
C TYR A 56 0.10 4.49 5.82
N VAL A 57 1.30 5.04 5.94
CA VAL A 57 1.51 6.16 6.84
C VAL A 57 0.72 7.38 6.39
N SER A 58 0.62 7.55 5.07
CA SER A 58 -0.11 8.69 4.53
C SER A 58 -1.60 8.53 4.79
N VAL A 59 -2.13 7.34 4.54
CA VAL A 59 -3.57 7.10 4.76
C VAL A 59 -3.88 7.18 6.25
N LYS A 60 -2.91 6.81 7.07
CA LYS A 60 -3.07 6.87 8.51
C LYS A 60 -3.25 8.31 8.96
N GLU A 61 -2.30 9.17 8.57
CA GLU A 61 -2.36 10.58 8.91
C GLU A 61 -3.53 11.25 8.19
N ILE A 62 -3.85 10.73 7.01
CA ILE A 62 -4.93 11.26 6.19
C ILE A 62 -6.26 11.29 6.94
N GLY A 63 -6.54 10.24 7.70
CA GLY A 63 -7.79 10.19 8.43
C GLY A 63 -8.38 8.80 8.51
N GLY A 64 -7.96 7.93 7.60
CA GLY A 64 -8.46 6.56 7.57
C GLY A 64 -8.83 6.13 6.17
N LEU A 65 -9.31 4.90 6.02
CA LEU A 65 -9.69 4.38 4.71
C LEU A 65 -10.98 5.03 4.23
N THR A 66 -12.01 4.98 5.07
CA THR A 66 -13.30 5.57 4.73
C THR A 66 -13.14 7.06 4.50
N GLN A 67 -12.16 7.65 5.20
CA GLN A 67 -11.88 9.07 5.09
C GLN A 67 -11.44 9.43 3.68
N VAL A 68 -10.66 8.55 3.06
CA VAL A 68 -10.19 8.78 1.69
C VAL A 68 -11.35 8.82 0.71
N ASN A 69 -12.35 7.99 0.99
CA ASN A 69 -13.51 7.87 0.12
C ASN A 69 -14.41 9.10 0.12
N LYS A 70 -14.39 9.89 1.19
CA LYS A 70 -15.26 11.06 1.27
C LYS A 70 -14.50 12.38 1.49
N ASN A 71 -13.21 12.30 1.76
CA ASN A 71 -12.42 13.51 2.00
C ASN A 71 -11.59 13.94 0.79
N LYS A 72 -11.82 13.32 -0.37
CA LYS A 72 -11.06 13.67 -1.57
C LYS A 72 -9.57 13.55 -1.30
N LYS A 73 -9.23 12.66 -0.38
CA LYS A 73 -7.84 12.44 -0.05
C LYS A 73 -7.14 11.72 -1.19
N TRP A 74 -7.91 10.95 -1.98
CA TRP A 74 -7.33 10.24 -3.12
C TRP A 74 -6.41 11.16 -3.89
N ARG A 75 -6.85 12.40 -4.08
CA ARG A 75 -6.03 13.37 -4.80
C ARG A 75 -4.83 13.75 -3.96
N GLU A 76 -5.01 13.77 -2.65
CA GLU A 76 -3.94 14.11 -1.72
C GLU A 76 -2.86 13.03 -1.68
N LEU A 77 -3.26 11.76 -1.56
CA LEU A 77 -2.28 10.67 -1.54
C LEU A 77 -1.60 10.59 -2.89
N ALA A 78 -2.35 10.89 -3.95
CA ALA A 78 -1.80 10.87 -5.29
C ALA A 78 -0.71 11.92 -5.38
N THR A 79 -0.98 13.10 -4.82
CA THR A 79 -0.02 14.19 -4.81
C THR A 79 1.12 13.91 -3.84
N ASN A 80 0.78 13.25 -2.73
CA ASN A 80 1.77 12.92 -1.70
C ASN A 80 2.84 12.00 -2.26
N LEU A 81 2.49 11.26 -3.30
CA LEU A 81 3.43 10.34 -3.95
C LEU A 81 3.84 10.88 -5.31
N ASN A 82 3.60 12.18 -5.51
CA ASN A 82 3.95 12.87 -6.74
C ASN A 82 3.64 12.00 -7.95
N VAL A 83 2.44 11.45 -8.00
CA VAL A 83 2.03 10.58 -9.09
C VAL A 83 1.45 11.38 -10.25
N GLY A 84 1.00 12.60 -9.96
CA GLY A 84 0.43 13.44 -11.01
C GLY A 84 -0.60 14.42 -10.51
N THR A 85 -1.40 14.00 -9.54
CA THR A 85 -2.46 14.83 -8.97
C THR A 85 -3.58 15.10 -9.99
N SER A 86 -3.28 15.96 -10.98
CA SER A 86 -4.24 16.31 -12.04
C SER A 86 -5.69 16.04 -11.64
N SER A 87 -6.19 14.88 -12.02
CA SER A 87 -7.57 14.49 -11.71
C SER A 87 -7.72 12.97 -11.81
N SER A 88 -7.21 12.41 -12.91
CA SER A 88 -7.29 10.97 -13.13
C SER A 88 -6.38 10.22 -12.16
N ALA A 89 -5.35 10.92 -11.67
CA ALA A 89 -4.41 10.33 -10.73
C ALA A 89 -5.09 9.91 -9.44
N ALA A 90 -6.09 10.69 -9.01
CA ALA A 90 -6.83 10.38 -7.80
C ALA A 90 -7.62 9.09 -7.94
N SER A 91 -8.31 8.95 -9.06
CA SER A 91 -9.10 7.75 -9.32
C SER A 91 -8.19 6.52 -9.42
N SER A 92 -7.08 6.68 -10.14
CA SER A 92 -6.13 5.59 -10.32
C SER A 92 -5.45 5.26 -8.99
N LEU A 93 -5.10 6.29 -8.23
CA LEU A 93 -4.44 6.08 -6.95
C LEU A 93 -5.45 5.56 -5.94
N LYS A 94 -6.73 5.79 -6.22
CA LYS A 94 -7.80 5.32 -5.35
C LYS A 94 -7.94 3.82 -5.49
N LYS A 95 -8.05 3.36 -6.73
CA LYS A 95 -8.16 1.93 -7.00
C LYS A 95 -6.89 1.21 -6.61
N GLN A 96 -5.75 1.85 -6.86
CA GLN A 96 -4.46 1.27 -6.52
C GLN A 96 -4.32 1.17 -5.01
N TYR A 97 -4.78 2.20 -4.30
CA TYR A 97 -4.71 2.23 -2.85
C TYR A 97 -5.60 1.15 -2.24
N ILE A 98 -6.83 1.05 -2.72
CA ILE A 98 -7.77 0.05 -2.22
C ILE A 98 -7.29 -1.35 -2.60
N GLN A 99 -6.65 -1.45 -3.75
CA GLN A 99 -6.11 -2.72 -4.22
C GLN A 99 -4.83 -3.04 -3.48
N CYS A 100 -4.18 -2.00 -2.98
CA CYS A 100 -2.92 -2.15 -2.28
C CYS A 100 -3.06 -2.59 -0.83
N LEU A 101 -4.04 -2.03 -0.09
CA LEU A 101 -4.16 -2.42 1.31
C LEU A 101 -5.50 -2.03 1.96
N TYR A 102 -6.61 -2.13 1.23
CA TYR A 102 -7.90 -1.79 1.81
C TYR A 102 -8.29 -2.81 2.87
N ALA A 103 -8.33 -4.08 2.49
CA ALA A 103 -8.66 -5.14 3.43
C ALA A 103 -7.50 -5.34 4.38
N PHE A 104 -6.30 -5.10 3.85
CA PHE A 104 -5.09 -5.25 4.63
C PHE A 104 -5.12 -4.35 5.84
N GLU A 105 -5.80 -3.21 5.75
CA GLU A 105 -5.89 -2.33 6.91
C GLU A 105 -6.43 -3.10 8.10
N CYS A 106 -7.46 -3.91 7.85
CA CYS A 106 -8.07 -4.74 8.88
C CYS A 106 -7.14 -5.90 9.21
N LYS A 107 -6.50 -6.41 8.18
CA LYS A 107 -5.56 -7.51 8.32
C LYS A 107 -4.36 -7.08 9.15
N ILE A 108 -4.06 -5.78 9.14
CA ILE A 108 -2.93 -5.23 9.87
C ILE A 108 -3.30 -4.78 11.29
N GLU A 109 -4.50 -4.21 11.45
CA GLU A 109 -4.93 -3.72 12.76
C GLU A 109 -5.84 -4.70 13.51
N ARG A 110 -6.79 -5.30 12.80
CA ARG A 110 -7.73 -6.24 13.41
C ARG A 110 -7.13 -7.63 13.54
N GLY A 111 -7.32 -8.24 14.71
CA GLY A 111 -6.79 -9.56 14.97
C GLY A 111 -5.28 -9.56 14.96
N GLU A 112 -4.70 -8.38 15.10
CA GLU A 112 -3.24 -8.23 15.11
C GLU A 112 -2.77 -7.60 16.41
N ASP A 113 -3.69 -7.44 17.37
CA ASP A 113 -3.36 -6.84 18.65
C ASP A 113 -3.94 -7.64 19.82
N PRO A 114 -5.27 -7.90 19.85
CA PRO A 114 -5.89 -8.66 20.94
C PRO A 114 -5.27 -10.05 21.11
N PRO A 115 -4.71 -10.34 22.31
CA PRO A 115 -4.09 -11.64 22.58
C PRO A 115 -5.03 -12.82 22.30
N PRO A 116 -4.55 -13.85 21.58
CA PRO A 116 -5.36 -15.02 21.26
C PRO A 116 -5.48 -15.99 22.42
N ASP A 117 -4.36 -16.58 22.81
CA ASP A 117 -4.31 -17.53 23.91
C ASP A 117 -2.88 -17.95 24.18
N ILE A 118 -2.28 -18.60 23.16
CA ILE A 118 -0.90 -19.05 23.23
C ILE A 118 -0.58 -19.75 24.56
N PHE A 119 0.70 -19.99 24.83
CA PHE A 119 1.12 -20.63 26.07
C PHE A 119 1.03 -19.69 27.26
N ALA A 120 0.35 -18.56 27.08
CA ALA A 120 0.19 -17.57 28.14
C ALA A 120 1.55 -17.11 28.67
N SER A 1 4.04 6.18 -21.44
CA SER A 1 3.63 5.97 -20.02
C SER A 1 3.36 4.49 -19.76
N SER A 2 3.61 4.07 -18.52
CA SER A 2 3.39 2.68 -18.12
C SER A 2 2.39 2.59 -16.98
N THR A 3 1.75 1.44 -16.84
CA THR A 3 0.76 1.22 -15.79
C THR A 3 1.43 0.80 -14.49
N THR A 4 2.32 -0.18 -14.58
CA THR A 4 3.04 -0.68 -13.41
C THR A 4 4.53 -0.35 -13.49
N THR A 5 5.20 -0.46 -12.35
CA THR A 5 6.63 -0.19 -12.27
C THR A 5 7.42 -1.44 -12.58
N ASN A 6 8.69 -1.27 -12.94
CA ASN A 6 9.55 -2.41 -13.24
C ASN A 6 9.77 -3.25 -11.98
N GLU A 7 9.18 -2.80 -10.88
CA GLU A 7 9.30 -3.49 -9.60
C GLU A 7 8.03 -4.25 -9.26
N LYS A 8 8.09 -5.57 -9.34
CA LYS A 8 6.95 -6.42 -9.03
C LYS A 8 6.88 -6.66 -7.53
N ILE A 9 8.05 -6.82 -6.93
CA ILE A 9 8.18 -7.09 -5.51
C ILE A 9 8.24 -5.81 -4.68
N THR A 10 8.65 -5.95 -3.42
CA THR A 10 8.77 -4.81 -2.51
C THR A 10 9.50 -5.18 -1.22
N LYS A 11 10.03 -6.39 -1.15
CA LYS A 11 10.80 -6.83 0.01
C LYS A 11 12.11 -6.04 0.04
N LEU A 12 12.54 -5.63 -1.15
CA LEU A 12 13.76 -4.86 -1.32
C LEU A 12 13.75 -3.60 -0.47
N TYR A 13 12.55 -3.05 -0.26
CA TYR A 13 12.38 -1.83 0.51
C TYR A 13 13.06 -1.92 1.87
N GLU A 14 13.34 -3.14 2.33
CA GLU A 14 13.98 -3.34 3.63
C GLU A 14 14.44 -4.78 3.80
N LEU A 15 15.72 -4.96 4.13
CA LEU A 15 16.30 -6.28 4.32
C LEU A 15 16.72 -6.49 5.77
N GLY A 16 17.84 -5.88 6.15
CA GLY A 16 18.34 -6.02 7.51
C GLY A 16 17.56 -5.18 8.51
N GLY A 17 16.57 -4.45 8.03
CA GLY A 17 15.76 -3.62 8.90
C GLY A 17 14.28 -3.79 8.66
N GLU A 18 13.48 -3.52 9.69
CA GLU A 18 12.03 -3.64 9.58
C GLU A 18 11.63 -5.02 9.06
N PRO A 19 12.00 -6.09 9.79
CA PRO A 19 11.66 -7.46 9.39
C PRO A 19 10.16 -7.69 9.43
N GLU A 20 9.48 -6.93 10.28
CA GLU A 20 8.04 -7.04 10.42
C GLU A 20 7.34 -6.47 9.19
N ARG A 21 7.72 -5.26 8.80
CA ARG A 21 7.14 -4.61 7.63
C ARG A 21 7.61 -5.30 6.36
N LYS A 22 8.85 -5.79 6.38
CA LYS A 22 9.40 -6.48 5.23
C LYS A 22 8.73 -7.84 5.08
N MET A 23 8.36 -8.44 6.22
CA MET A 23 7.68 -9.72 6.21
C MET A 23 6.28 -9.54 5.66
N TRP A 24 5.58 -8.52 6.17
CA TRP A 24 4.22 -8.22 5.72
C TRP A 24 4.20 -7.92 4.22
N VAL A 25 5.20 -7.16 3.78
CA VAL A 25 5.30 -6.80 2.38
C VAL A 25 5.60 -8.04 1.52
N ASP A 26 6.56 -8.84 1.96
CA ASP A 26 6.94 -10.04 1.24
C ASP A 26 5.83 -11.08 1.29
N ARG A 27 5.08 -11.08 2.39
CA ARG A 27 3.98 -12.01 2.57
C ARG A 27 2.80 -11.58 1.71
N TYR A 28 2.67 -10.27 1.53
CA TYR A 28 1.60 -9.71 0.70
C TYR A 28 1.83 -10.12 -0.74
N LEU A 29 3.06 -9.99 -1.20
CA LEU A 29 3.41 -10.37 -2.56
C LEU A 29 3.27 -11.88 -2.73
N ALA A 30 3.76 -12.62 -1.74
CA ALA A 30 3.66 -14.07 -1.77
C ALA A 30 2.18 -14.46 -1.80
N PHE A 31 1.36 -13.63 -1.15
CA PHE A 31 -0.07 -13.86 -1.10
C PHE A 31 -0.68 -13.71 -2.49
N THR A 32 -0.26 -12.66 -3.21
CA THR A 32 -0.78 -12.43 -4.56
C THR A 32 -0.38 -13.59 -5.47
N GLU A 33 0.85 -14.05 -5.31
CA GLU A 33 1.37 -15.15 -6.11
C GLU A 33 0.67 -16.46 -5.72
N GLU A 34 0.29 -16.54 -4.45
CA GLU A 34 -0.38 -17.72 -3.91
C GLU A 34 -1.67 -18.03 -4.68
N LYS A 35 -2.39 -16.98 -5.07
CA LYS A 35 -3.64 -17.14 -5.79
C LYS A 35 -3.41 -17.15 -7.30
N ALA A 36 -2.14 -17.18 -7.71
CA ALA A 36 -1.81 -17.15 -9.12
C ALA A 36 -2.34 -15.87 -9.74
N MET A 37 -2.65 -14.92 -8.86
CA MET A 37 -3.20 -13.62 -9.24
C MET A 37 -2.25 -12.88 -10.17
N GLY A 38 -1.01 -13.36 -10.24
CA GLY A 38 -0.01 -12.73 -11.09
C GLY A 38 1.31 -12.52 -10.37
N MET A 39 2.32 -13.30 -10.74
CA MET A 39 3.63 -13.19 -10.11
C MET A 39 4.37 -11.96 -10.63
N THR A 40 3.66 -11.11 -11.37
CA THR A 40 4.23 -9.89 -11.91
C THR A 40 3.88 -8.70 -11.00
N ASN A 41 3.92 -7.49 -11.55
CA ASN A 41 3.61 -6.31 -10.75
C ASN A 41 2.13 -5.97 -10.86
N LEU A 42 1.52 -5.75 -9.71
CA LEU A 42 0.10 -5.43 -9.64
C LEU A 42 -0.15 -4.17 -8.82
N PRO A 43 0.43 -4.08 -7.60
CA PRO A 43 0.26 -2.92 -6.74
C PRO A 43 1.31 -1.85 -7.02
N ALA A 44 1.37 -1.42 -8.28
CA ALA A 44 2.34 -0.41 -8.71
C ALA A 44 1.66 0.93 -8.98
N VAL A 45 2.38 2.02 -8.82
CA VAL A 45 1.84 3.35 -9.06
C VAL A 45 2.58 4.06 -10.18
N GLY A 46 1.88 5.00 -10.84
CA GLY A 46 2.45 5.76 -11.94
C GLY A 46 3.95 6.00 -11.83
N ARG A 47 4.43 6.28 -10.63
CA ARG A 47 5.85 6.53 -10.42
C ARG A 47 6.53 5.41 -9.63
N LYS A 48 6.58 5.56 -8.31
CA LYS A 48 7.20 4.56 -7.45
C LYS A 48 6.52 3.20 -7.61
N PRO A 49 7.22 2.11 -7.28
CA PRO A 49 6.65 0.76 -7.36
C PRO A 49 5.38 0.61 -6.52
N LEU A 50 5.50 -0.01 -5.35
CA LEU A 50 4.36 -0.22 -4.48
C LEU A 50 4.44 0.72 -3.28
N ASP A 51 5.57 0.63 -2.57
CA ASP A 51 5.80 1.46 -1.40
C ASP A 51 4.69 1.26 -0.35
N LEU A 52 4.34 0.00 -0.11
CA LEU A 52 3.29 -0.33 0.86
C LEU A 52 3.69 0.10 2.27
N TYR A 53 5.00 0.13 2.55
CA TYR A 53 5.48 0.52 3.86
C TYR A 53 5.33 2.03 4.07
N ARG A 54 5.72 2.80 3.06
CA ARG A 54 5.61 4.24 3.13
C ARG A 54 4.14 4.61 3.02
N LEU A 55 3.41 3.79 2.27
CA LEU A 55 2.00 3.97 2.08
C LEU A 55 1.26 3.64 3.37
N TYR A 56 1.79 2.68 4.12
CA TYR A 56 1.21 2.26 5.40
C TYR A 56 1.37 3.38 6.42
N VAL A 57 2.58 3.90 6.56
CA VAL A 57 2.83 4.98 7.50
C VAL A 57 2.11 6.24 7.05
N SER A 58 2.03 6.43 5.74
CA SER A 58 1.37 7.59 5.18
C SER A 58 -0.12 7.52 5.40
N VAL A 59 -0.71 6.33 5.19
CA VAL A 59 -2.14 6.16 5.38
C VAL A 59 -2.47 6.27 6.86
N LYS A 60 -1.54 5.83 7.70
CA LYS A 60 -1.71 5.91 9.14
C LYS A 60 -1.82 7.38 9.55
N GLU A 61 -0.84 8.18 9.12
CA GLU A 61 -0.83 9.60 9.42
C GLU A 61 -1.99 10.30 8.70
N ILE A 62 -2.34 9.77 7.53
CA ILE A 62 -3.41 10.32 6.72
C ILE A 62 -4.72 10.34 7.51
N GLY A 63 -4.95 9.29 8.28
CA GLY A 63 -6.16 9.20 9.08
C GLY A 63 -6.69 7.79 9.16
N GLY A 64 -6.61 7.07 8.05
CA GLY A 64 -7.08 5.71 8.00
C GLY A 64 -7.57 5.33 6.62
N LEU A 65 -8.16 4.14 6.48
CA LEU A 65 -8.65 3.69 5.19
C LEU A 65 -9.92 4.42 4.77
N THR A 66 -10.74 4.82 5.75
CA THR A 66 -11.97 5.53 5.46
C THR A 66 -11.67 6.98 5.11
N GLN A 67 -10.59 7.51 5.66
CA GLN A 67 -10.20 8.89 5.41
C GLN A 67 -9.76 9.05 3.95
N VAL A 68 -9.03 8.07 3.43
CA VAL A 68 -8.58 8.12 2.04
C VAL A 68 -9.75 8.10 1.10
N ASN A 69 -10.81 7.43 1.53
CA ASN A 69 -12.01 7.27 0.72
C ASN A 69 -12.81 8.55 0.53
N LYS A 70 -12.72 9.51 1.45
CA LYS A 70 -13.52 10.73 1.33
C LYS A 70 -12.75 12.03 1.66
N ASN A 71 -11.49 11.93 2.04
CA ASN A 71 -10.73 13.13 2.39
C ASN A 71 -9.78 13.57 1.27
N LYS A 72 -10.00 13.07 0.06
CA LYS A 72 -9.15 13.44 -1.08
C LYS A 72 -7.70 13.13 -0.79
N LYS A 73 -7.48 12.19 0.11
CA LYS A 73 -6.13 11.79 0.46
C LYS A 73 -5.47 11.11 -0.71
N TRP A 74 -6.25 10.44 -1.56
CA TRP A 74 -5.70 9.74 -2.71
C TRP A 74 -4.72 10.65 -3.44
N ARG A 75 -5.14 11.90 -3.63
CA ARG A 75 -4.27 12.86 -4.29
C ARG A 75 -3.07 13.18 -3.42
N GLU A 76 -3.28 13.15 -2.11
CA GLU A 76 -2.22 13.43 -1.14
C GLU A 76 -1.15 12.33 -1.17
N LEU A 77 -1.58 11.06 -1.16
CA LEU A 77 -0.62 9.96 -1.18
C LEU A 77 0.11 9.93 -2.51
N ALA A 78 -0.61 10.22 -3.60
CA ALA A 78 0.00 10.24 -4.92
C ALA A 78 1.11 11.31 -4.93
N THR A 79 0.80 12.46 -4.33
CA THR A 79 1.75 13.56 -4.24
C THR A 79 2.85 13.27 -3.23
N ASN A 80 2.49 12.54 -2.17
CA ASN A 80 3.42 12.21 -1.09
C ASN A 80 4.53 11.26 -1.55
N LEU A 81 4.27 10.50 -2.61
CA LEU A 81 5.25 9.54 -3.10
C LEU A 81 5.75 9.92 -4.50
N ASN A 82 5.76 11.21 -4.81
CA ASN A 82 6.22 11.69 -6.11
C ASN A 82 5.53 10.95 -7.25
N VAL A 83 4.31 10.51 -6.99
CA VAL A 83 3.52 9.76 -7.95
C VAL A 83 2.70 10.69 -8.84
N GLY A 84 2.47 11.91 -8.38
CA GLY A 84 1.71 12.87 -9.14
C GLY A 84 0.70 13.62 -8.28
N THR A 85 -0.08 14.49 -8.91
CA THR A 85 -1.07 15.26 -8.17
C THR A 85 -2.41 15.30 -8.92
N SER A 86 -3.15 16.40 -8.77
CA SER A 86 -4.45 16.57 -9.41
C SER A 86 -4.41 16.14 -10.87
N SER A 87 -4.74 14.88 -11.10
CA SER A 87 -4.75 14.31 -12.44
C SER A 87 -5.15 12.84 -12.39
N SER A 88 -4.78 12.09 -13.43
CA SER A 88 -5.08 10.67 -13.51
C SER A 88 -4.42 9.90 -12.36
N ALA A 89 -3.37 10.48 -11.79
CA ALA A 89 -2.65 9.84 -10.70
C ALA A 89 -3.52 9.55 -9.50
N ALA A 90 -4.41 10.47 -9.15
CA ALA A 90 -5.30 10.27 -8.01
C ALA A 90 -6.21 9.07 -8.22
N SER A 91 -6.81 8.98 -9.40
CA SER A 91 -7.70 7.87 -9.71
C SER A 91 -6.94 6.54 -9.71
N SER A 92 -5.79 6.53 -10.37
CA SER A 92 -4.98 5.33 -10.45
C SER A 92 -4.41 4.97 -9.09
N LEU A 93 -4.05 5.98 -8.30
CA LEU A 93 -3.50 5.76 -6.98
C LEU A 93 -4.59 5.35 -6.01
N LYS A 94 -5.83 5.69 -6.34
CA LYS A 94 -6.96 5.31 -5.52
C LYS A 94 -7.18 3.81 -5.68
N LYS A 95 -7.21 3.37 -6.93
CA LYS A 95 -7.40 1.96 -7.26
C LYS A 95 -6.20 1.15 -6.83
N GLN A 96 -5.02 1.76 -6.90
CA GLN A 96 -3.80 1.07 -6.49
C GLN A 96 -3.74 0.99 -4.97
N TYR A 97 -4.14 2.07 -4.32
CA TYR A 97 -4.15 2.13 -2.87
C TYR A 97 -5.07 1.06 -2.32
N ILE A 98 -6.27 0.94 -2.91
CA ILE A 98 -7.22 -0.04 -2.46
C ILE A 98 -6.70 -1.44 -2.78
N GLN A 99 -6.22 -1.64 -4.01
CA GLN A 99 -5.68 -2.94 -4.40
C GLN A 99 -4.45 -3.28 -3.57
N CYS A 100 -3.87 -2.27 -2.94
CA CYS A 100 -2.66 -2.46 -2.14
C CYS A 100 -2.93 -2.49 -0.63
N LEU A 101 -4.06 -1.94 -0.18
CA LEU A 101 -4.35 -1.89 1.26
C LEU A 101 -5.72 -2.45 1.64
N TYR A 102 -6.50 -2.91 0.68
CA TYR A 102 -7.81 -3.44 1.01
C TYR A 102 -7.68 -4.75 1.78
N ALA A 103 -6.89 -5.67 1.24
CA ALA A 103 -6.66 -6.94 1.90
C ALA A 103 -5.72 -6.74 3.08
N PHE A 104 -4.79 -5.78 2.92
CA PHE A 104 -3.83 -5.48 3.97
C PHE A 104 -4.54 -5.01 5.22
N GLU A 105 -5.69 -4.36 5.05
CA GLU A 105 -6.44 -3.87 6.20
C GLU A 105 -6.91 -5.04 7.07
N CYS A 106 -7.42 -6.07 6.43
CA CYS A 106 -7.90 -7.25 7.15
C CYS A 106 -6.74 -8.07 7.69
N LYS A 107 -5.66 -8.10 6.93
CA LYS A 107 -4.48 -8.85 7.32
C LYS A 107 -3.65 -8.14 8.40
N ILE A 108 -3.63 -6.81 8.34
CA ILE A 108 -2.86 -6.01 9.29
C ILE A 108 -3.67 -5.67 10.53
N GLU A 109 -5.00 -5.77 10.42
CA GLU A 109 -5.89 -5.46 11.54
C GLU A 109 -5.52 -6.27 12.79
N ARG A 110 -4.73 -7.32 12.60
CA ARG A 110 -4.29 -8.15 13.72
C ARG A 110 -3.70 -7.26 14.81
N GLY A 111 -3.24 -6.10 14.38
CA GLY A 111 -2.68 -5.12 15.29
C GLY A 111 -3.25 -3.74 15.03
N GLU A 112 -3.98 -3.62 13.91
CA GLU A 112 -4.61 -2.36 13.53
C GLU A 112 -6.08 -2.35 13.96
N ASP A 113 -6.58 -1.16 14.27
CA ASP A 113 -7.97 -1.00 14.71
C ASP A 113 -8.23 -1.81 15.98
N PRO A 114 -8.13 -1.18 17.16
CA PRO A 114 -8.35 -1.86 18.45
C PRO A 114 -9.68 -2.60 18.49
N PRO A 115 -9.82 -3.59 19.40
CA PRO A 115 -11.04 -4.38 19.54
C PRO A 115 -12.23 -3.53 19.99
N PRO A 116 -13.28 -3.42 19.16
CA PRO A 116 -14.47 -2.64 19.49
C PRO A 116 -15.47 -3.43 20.32
N ASP A 117 -15.03 -4.57 20.85
CA ASP A 117 -15.88 -5.43 21.66
C ASP A 117 -17.11 -5.86 20.87
N ILE A 118 -16.97 -6.92 20.08
CA ILE A 118 -18.06 -7.43 19.28
C ILE A 118 -18.45 -8.84 19.69
N PHE A 119 -19.64 -9.28 19.28
CA PHE A 119 -20.14 -10.61 19.62
C PHE A 119 -19.16 -11.69 19.17
N ALA A 120 -18.93 -12.66 20.05
CA ALA A 120 -18.01 -13.76 19.75
C ALA A 120 -18.34 -14.99 20.60
N SER A 1 -0.15 5.82 -20.52
CA SER A 1 1.32 5.96 -20.44
C SER A 1 1.83 5.61 -19.05
N SER A 2 0.95 5.73 -18.06
CA SER A 2 1.31 5.43 -16.68
C SER A 2 1.50 3.93 -16.48
N THR A 3 0.39 3.19 -16.57
CA THR A 3 0.42 1.74 -16.40
C THR A 3 1.12 1.32 -15.11
N THR A 4 1.43 0.03 -15.00
CA THR A 4 2.12 -0.49 -13.82
C THR A 4 3.61 -0.22 -13.88
N THR A 5 4.22 -0.04 -12.71
CA THR A 5 5.65 0.22 -12.61
C THR A 5 6.46 -0.90 -13.26
N ASN A 6 5.82 -2.05 -13.44
CA ASN A 6 6.43 -3.25 -14.02
C ASN A 6 7.01 -4.10 -12.91
N GLU A 7 6.83 -3.66 -11.67
CA GLU A 7 7.32 -4.40 -10.51
C GLU A 7 6.21 -5.26 -9.93
N LYS A 8 6.31 -6.57 -10.14
CA LYS A 8 5.31 -7.51 -9.65
C LYS A 8 5.42 -7.71 -8.15
N ILE A 9 6.64 -7.65 -7.65
CA ILE A 9 6.90 -7.86 -6.23
C ILE A 9 6.96 -6.54 -5.45
N THR A 10 7.34 -6.63 -4.17
CA THR A 10 7.44 -5.45 -3.32
C THR A 10 8.13 -5.79 -1.99
N LYS A 11 8.51 -7.05 -1.79
CA LYS A 11 9.19 -7.45 -0.58
C LYS A 11 10.51 -6.71 -0.46
N LEU A 12 11.02 -6.31 -1.62
CA LEU A 12 12.27 -5.56 -1.71
C LEU A 12 12.23 -4.29 -0.88
N TYR A 13 11.03 -3.72 -0.76
CA TYR A 13 10.82 -2.48 -0.02
C TYR A 13 11.42 -2.53 1.38
N GLU A 14 11.60 -3.73 1.93
CA GLU A 14 12.15 -3.86 3.27
C GLU A 14 12.65 -5.27 3.54
N LEU A 15 13.81 -5.37 4.17
CA LEU A 15 14.42 -6.66 4.51
C LEU A 15 14.54 -6.81 6.01
N GLY A 16 15.37 -5.97 6.62
CA GLY A 16 15.56 -6.03 8.06
C GLY A 16 14.96 -4.83 8.77
N GLY A 17 14.58 -5.03 10.02
CA GLY A 17 13.99 -3.94 10.80
C GLY A 17 12.49 -3.81 10.54
N GLU A 18 12.04 -4.34 9.41
CA GLU A 18 10.63 -4.28 9.04
C GLU A 18 10.14 -5.61 8.49
N PRO A 19 10.50 -6.75 9.12
CA PRO A 19 10.07 -8.06 8.66
C PRO A 19 8.56 -8.19 8.79
N GLU A 20 7.98 -7.33 9.62
CA GLU A 20 6.55 -7.34 9.84
C GLU A 20 5.84 -6.89 8.57
N ARG A 21 6.05 -5.64 8.18
CA ARG A 21 5.41 -5.12 6.97
C ARG A 21 5.94 -5.86 5.75
N LYS A 22 7.20 -6.27 5.81
CA LYS A 22 7.79 -7.01 4.71
C LYS A 22 7.09 -8.36 4.60
N MET A 23 6.67 -8.90 5.74
CA MET A 23 5.95 -10.17 5.75
C MET A 23 4.56 -9.98 5.16
N TRP A 24 3.88 -8.94 5.62
CA TRP A 24 2.53 -8.65 5.13
C TRP A 24 2.56 -8.34 3.63
N VAL A 25 3.63 -7.68 3.19
CA VAL A 25 3.76 -7.35 1.77
C VAL A 25 4.04 -8.62 0.96
N ASP A 26 5.01 -9.42 1.42
CA ASP A 26 5.35 -10.67 0.75
C ASP A 26 4.17 -11.62 0.81
N ARG A 27 3.41 -11.49 1.90
CA ARG A 27 2.23 -12.30 2.12
C ARG A 27 1.17 -11.91 1.08
N TYR A 28 1.03 -10.62 0.86
CA TYR A 28 0.10 -10.12 -0.15
C TYR A 28 0.47 -10.74 -1.49
N LEU A 29 1.77 -10.77 -1.77
CA LEU A 29 2.26 -11.38 -2.99
C LEU A 29 1.86 -12.85 -3.04
N ALA A 30 2.00 -13.54 -1.91
CA ALA A 30 1.63 -14.95 -1.85
C ALA A 30 0.15 -15.10 -2.17
N PHE A 31 -0.62 -14.08 -1.80
CA PHE A 31 -2.05 -14.06 -2.07
C PHE A 31 -2.28 -13.94 -3.57
N THR A 32 -1.58 -13.05 -4.24
CA THR A 32 -1.77 -12.88 -5.66
C THR A 32 -1.40 -14.16 -6.43
N GLU A 33 -0.30 -14.79 -6.04
CA GLU A 33 0.16 -16.03 -6.69
C GLU A 33 -0.73 -17.21 -6.35
N GLU A 34 -1.23 -17.25 -5.12
CA GLU A 34 -2.07 -18.34 -4.65
C GLU A 34 -3.31 -18.51 -5.53
N LYS A 35 -3.91 -17.40 -5.92
CA LYS A 35 -5.11 -17.42 -6.76
C LYS A 35 -4.79 -17.03 -8.18
N ALA A 36 -3.50 -16.91 -8.50
CA ALA A 36 -3.10 -16.50 -9.83
C ALA A 36 -3.74 -15.17 -10.14
N MET A 37 -4.02 -14.42 -9.07
CA MET A 37 -4.65 -13.12 -9.17
C MET A 37 -3.88 -12.21 -10.12
N GLY A 38 -2.59 -12.48 -10.26
CA GLY A 38 -1.74 -11.68 -11.14
C GLY A 38 -0.28 -12.02 -10.98
N MET A 39 0.18 -13.01 -11.72
CA MET A 39 1.58 -13.43 -11.67
C MET A 39 2.51 -12.27 -11.99
N THR A 40 1.95 -11.27 -12.68
CA THR A 40 2.71 -10.08 -13.05
C THR A 40 2.45 -8.95 -12.07
N ASN A 41 2.68 -7.71 -12.49
CA ASN A 41 2.48 -6.57 -11.62
C ASN A 41 1.08 -6.00 -11.81
N LEU A 42 0.39 -5.77 -10.69
CA LEU A 42 -0.96 -5.24 -10.71
C LEU A 42 -1.09 -4.06 -9.74
N PRO A 43 -0.74 -4.26 -8.44
CA PRO A 43 -0.81 -3.18 -7.44
C PRO A 43 0.31 -2.15 -7.60
N ALA A 44 0.69 -1.87 -8.85
CA ALA A 44 1.76 -0.91 -9.11
C ALA A 44 1.23 0.40 -9.70
N VAL A 45 1.84 1.51 -9.30
CA VAL A 45 1.43 2.82 -9.79
C VAL A 45 2.53 3.45 -10.67
N GLY A 46 2.09 4.32 -11.58
CA GLY A 46 3.01 5.00 -12.50
C GLY A 46 4.46 5.03 -12.07
N ARG A 47 4.83 6.00 -11.26
CA ARG A 47 6.21 6.16 -10.79
C ARG A 47 6.72 4.92 -10.06
N LYS A 48 6.66 4.96 -8.73
CA LYS A 48 7.14 3.85 -7.91
C LYS A 48 6.18 2.66 -7.94
N PRO A 49 6.68 1.45 -7.59
CA PRO A 49 5.88 0.22 -7.58
C PRO A 49 4.62 0.33 -6.71
N LEU A 50 4.38 -0.69 -5.89
CA LEU A 50 3.21 -0.71 -5.02
C LEU A 50 3.32 0.35 -3.94
N ASP A 51 4.48 0.42 -3.29
CA ASP A 51 4.69 1.38 -2.21
C ASP A 51 3.65 1.15 -1.12
N LEU A 52 3.42 -0.12 -0.82
CA LEU A 52 2.43 -0.50 0.18
C LEU A 52 2.77 0.04 1.56
N TYR A 53 4.02 -0.11 1.98
CA TYR A 53 4.40 0.36 3.31
C TYR A 53 4.17 1.86 3.45
N ARG A 54 4.59 2.62 2.44
CA ARG A 54 4.39 4.06 2.44
C ARG A 54 2.91 4.32 2.33
N LEU A 55 2.23 3.39 1.68
CA LEU A 55 0.79 3.47 1.50
C LEU A 55 0.10 3.23 2.83
N TYR A 56 0.71 2.39 3.66
CA TYR A 56 0.18 2.05 4.96
C TYR A 56 0.28 3.24 5.89
N VAL A 57 1.47 3.82 5.97
CA VAL A 57 1.68 4.97 6.83
C VAL A 57 0.90 6.17 6.32
N SER A 58 0.76 6.25 4.99
CA SER A 58 0.03 7.35 4.39
C SER A 58 -1.47 7.19 4.63
N VAL A 59 -1.97 5.97 4.46
CA VAL A 59 -3.39 5.71 4.66
C VAL A 59 -3.73 5.80 6.14
N LYS A 60 -2.74 5.46 6.97
CA LYS A 60 -2.91 5.52 8.41
C LYS A 60 -3.05 6.98 8.84
N GLU A 61 -2.11 7.81 8.37
CA GLU A 61 -2.14 9.23 8.67
C GLU A 61 -3.31 9.89 7.95
N ILE A 62 -3.65 9.36 6.78
CA ILE A 62 -4.74 9.88 5.97
C ILE A 62 -6.05 9.94 6.76
N GLY A 63 -6.22 8.98 7.66
CA GLY A 63 -7.43 8.95 8.46
C GLY A 63 -7.95 7.53 8.65
N GLY A 64 -7.92 6.77 7.56
CA GLY A 64 -8.40 5.40 7.60
C GLY A 64 -8.84 4.92 6.23
N LEU A 65 -9.52 3.79 6.19
CA LEU A 65 -9.99 3.23 4.93
C LEU A 65 -11.19 4.01 4.38
N THR A 66 -12.14 4.34 5.24
CA THR A 66 -13.32 5.09 4.81
C THR A 66 -12.93 6.50 4.42
N GLN A 67 -11.90 7.02 5.08
CA GLN A 67 -11.43 8.37 4.80
C GLN A 67 -10.98 8.47 3.35
N VAL A 68 -10.35 7.43 2.84
CA VAL A 68 -9.92 7.42 1.45
C VAL A 68 -11.13 7.43 0.54
N ASN A 69 -12.16 6.74 0.97
CA ASN A 69 -13.38 6.58 0.22
C ASN A 69 -14.22 7.87 0.12
N LYS A 70 -14.09 8.80 1.07
CA LYS A 70 -14.92 10.00 1.03
C LYS A 70 -14.17 11.32 1.24
N ASN A 71 -12.88 11.27 1.57
CA ASN A 71 -12.12 12.50 1.80
C ASN A 71 -11.24 12.89 0.62
N LYS A 72 -11.50 12.30 -0.55
CA LYS A 72 -10.70 12.61 -1.75
C LYS A 72 -9.23 12.34 -1.49
N LYS A 73 -8.96 11.51 -0.50
CA LYS A 73 -7.60 11.16 -0.17
C LYS A 73 -6.95 10.45 -1.35
N TRP A 74 -7.77 9.78 -2.16
CA TRP A 74 -7.26 9.07 -3.32
C TRP A 74 -6.30 9.96 -4.09
N ARG A 75 -6.70 11.21 -4.29
CA ARG A 75 -5.85 12.16 -5.00
C ARG A 75 -4.63 12.49 -4.15
N GLU A 76 -4.82 12.49 -2.84
CA GLU A 76 -3.74 12.78 -1.91
C GLU A 76 -2.68 11.68 -1.91
N LEU A 77 -3.09 10.41 -1.87
CA LEU A 77 -2.12 9.32 -1.88
C LEU A 77 -1.43 9.28 -3.24
N ALA A 78 -2.19 9.57 -4.30
CA ALA A 78 -1.61 9.61 -5.63
C ALA A 78 -0.54 10.68 -5.66
N THR A 79 -0.85 11.81 -5.01
CA THR A 79 0.07 12.93 -4.92
C THR A 79 1.23 12.64 -3.97
N ASN A 80 0.94 11.92 -2.89
CA ASN A 80 1.94 11.56 -1.87
C ASN A 80 3.02 10.67 -2.45
N LEU A 81 2.61 9.70 -3.23
CA LEU A 81 3.52 8.75 -3.84
C LEU A 81 3.98 9.24 -5.21
N ASN A 82 3.80 10.54 -5.46
CA ASN A 82 4.17 11.14 -6.73
C ASN A 82 3.70 10.27 -7.89
N VAL A 83 2.40 10.32 -8.16
CA VAL A 83 1.82 9.54 -9.22
C VAL A 83 1.35 10.41 -10.38
N GLY A 84 1.10 11.69 -10.09
CA GLY A 84 0.67 12.60 -11.13
C GLY A 84 -0.22 13.72 -10.65
N THR A 85 -1.20 13.39 -9.80
CA THR A 85 -2.12 14.39 -9.27
C THR A 85 -2.90 15.07 -10.40
N SER A 86 -2.89 14.44 -11.57
CA SER A 86 -3.59 14.99 -12.74
C SER A 86 -5.07 14.62 -12.73
N SER A 87 -5.66 14.59 -11.53
CA SER A 87 -7.07 14.25 -11.35
C SER A 87 -7.33 12.76 -11.61
N SER A 88 -7.09 12.31 -12.84
CA SER A 88 -7.30 10.92 -13.19
C SER A 88 -6.41 10.01 -12.36
N ALA A 89 -5.33 10.56 -11.84
CA ALA A 89 -4.40 9.81 -11.01
C ALA A 89 -5.10 9.29 -9.77
N ALA A 90 -6.04 10.08 -9.25
CA ALA A 90 -6.79 9.69 -8.07
C ALA A 90 -7.66 8.47 -8.37
N SER A 91 -8.28 8.46 -9.54
CA SER A 91 -9.13 7.35 -9.94
C SER A 91 -8.31 6.06 -10.08
N SER A 92 -7.20 6.15 -10.81
CA SER A 92 -6.34 5.01 -11.01
C SER A 92 -5.73 4.56 -9.69
N LEU A 93 -5.34 5.52 -8.86
CA LEU A 93 -4.76 5.21 -7.58
C LEU A 93 -5.84 4.73 -6.62
N LYS A 94 -7.08 5.06 -6.94
CA LYS A 94 -8.21 4.63 -6.16
C LYS A 94 -8.34 3.13 -6.30
N LYS A 95 -8.41 2.69 -7.56
CA LYS A 95 -8.52 1.27 -7.87
C LYS A 95 -7.25 0.55 -7.44
N GLN A 96 -6.12 1.24 -7.52
CA GLN A 96 -4.85 0.65 -7.12
C GLN A 96 -4.81 0.47 -5.61
N TYR A 97 -5.33 1.46 -4.89
CA TYR A 97 -5.36 1.40 -3.44
C TYR A 97 -6.23 0.25 -2.96
N ILE A 98 -7.42 0.15 -3.53
CA ILE A 98 -8.33 -0.91 -3.15
C ILE A 98 -7.77 -2.26 -3.59
N GLN A 99 -7.24 -2.32 -4.81
CA GLN A 99 -6.66 -3.55 -5.33
C GLN A 99 -5.41 -3.90 -4.54
N CYS A 100 -4.82 -2.90 -3.91
CA CYS A 100 -3.61 -3.10 -3.12
C CYS A 100 -3.92 -3.72 -1.76
N LEU A 101 -4.98 -3.25 -1.09
CA LEU A 101 -5.32 -3.79 0.22
C LEU A 101 -6.79 -3.62 0.60
N TYR A 102 -7.70 -4.00 -0.29
CA TYR A 102 -9.13 -3.89 0.01
C TYR A 102 -9.53 -4.90 1.07
N ALA A 103 -9.26 -6.17 0.81
CA ALA A 103 -9.56 -7.21 1.78
C ALA A 103 -8.52 -7.18 2.88
N PHE A 104 -7.30 -6.81 2.49
CA PHE A 104 -6.20 -6.70 3.42
C PHE A 104 -6.54 -5.68 4.49
N GLU A 105 -7.35 -4.69 4.14
CA GLU A 105 -7.74 -3.68 5.12
C GLU A 105 -8.34 -4.37 6.34
N CYS A 106 -9.22 -5.33 6.09
CA CYS A 106 -9.85 -6.11 7.16
C CYS A 106 -8.84 -7.08 7.74
N LYS A 107 -8.00 -7.60 6.86
CA LYS A 107 -6.98 -8.53 7.25
C LYS A 107 -5.94 -7.85 8.13
N ILE A 108 -5.84 -6.53 8.01
CA ILE A 108 -4.87 -5.75 8.79
C ILE A 108 -5.47 -5.24 10.10
N GLU A 109 -6.75 -4.84 10.08
CA GLU A 109 -7.39 -4.31 11.28
C GLU A 109 -8.26 -5.33 12.02
N ARG A 110 -9.03 -6.11 11.28
CA ARG A 110 -9.93 -7.10 11.89
C ARG A 110 -9.17 -8.34 12.33
N GLY A 111 -9.38 -8.74 13.59
CA GLY A 111 -8.71 -9.90 14.11
C GLY A 111 -7.22 -9.66 14.27
N GLU A 112 -6.83 -8.41 14.15
CA GLU A 112 -5.42 -8.04 14.26
C GLU A 112 -5.21 -7.04 15.40
N ASP A 113 -4.50 -7.48 16.44
CA ASP A 113 -4.23 -6.62 17.58
C ASP A 113 -3.22 -7.26 18.54
N PRO A 114 -1.92 -7.07 18.29
CA PRO A 114 -0.86 -7.63 19.12
C PRO A 114 -0.54 -6.71 20.31
N PRO A 115 0.16 -7.23 21.33
CA PRO A 115 0.53 -6.46 22.51
C PRO A 115 1.89 -5.78 22.38
N PRO A 116 1.92 -4.45 22.10
CA PRO A 116 3.16 -3.70 21.96
C PRO A 116 3.67 -3.15 23.29
N ASP A 117 3.11 -3.65 24.38
CA ASP A 117 3.50 -3.21 25.72
C ASP A 117 3.22 -1.72 25.90
N ILE A 118 1.98 -1.32 25.65
CA ILE A 118 1.57 0.07 25.79
C ILE A 118 0.85 0.31 27.11
N PHE A 119 0.02 -0.65 27.50
CA PHE A 119 -0.75 -0.55 28.74
C PHE A 119 -1.19 -1.94 29.22
N ALA A 120 -2.11 -2.54 28.48
CA ALA A 120 -2.62 -3.86 28.82
C ALA A 120 -3.19 -4.57 27.59
N SER A 1 1.45 9.49 -18.14
CA SER A 1 1.14 8.06 -17.97
C SER A 1 1.72 7.53 -16.66
N SER A 2 0.98 6.62 -16.02
CA SER A 2 1.42 6.04 -14.75
C SER A 2 2.14 4.71 -14.98
N THR A 3 3.48 4.75 -14.96
CA THR A 3 4.27 3.56 -15.16
C THR A 3 4.79 3.01 -13.84
N THR A 4 5.45 1.86 -13.88
CA THR A 4 5.98 1.23 -12.67
C THR A 4 7.43 1.65 -12.43
N THR A 5 7.80 1.67 -11.16
CA THR A 5 9.15 2.03 -10.75
C THR A 5 10.15 0.94 -11.16
N ASN A 6 9.61 -0.16 -11.69
CA ASN A 6 10.42 -1.30 -12.12
C ASN A 6 10.95 -2.06 -10.91
N GLU A 7 10.56 -1.60 -9.73
CA GLU A 7 10.98 -2.24 -8.49
C GLU A 7 9.87 -3.14 -7.97
N LYS A 8 10.06 -4.45 -8.08
CA LYS A 8 9.08 -5.40 -7.61
C LYS A 8 9.06 -5.42 -6.09
N ILE A 9 10.26 -5.51 -5.51
CA ILE A 9 10.41 -5.56 -4.05
C ILE A 9 10.43 -4.16 -3.43
N THR A 10 10.84 -4.10 -2.16
CA THR A 10 10.92 -2.84 -1.43
C THR A 10 11.74 -2.94 -0.14
N LYS A 11 11.89 -4.14 0.42
CA LYS A 11 12.67 -4.28 1.65
C LYS A 11 14.09 -3.78 1.40
N LEU A 12 14.46 -3.79 0.14
CA LEU A 12 15.77 -3.33 -0.31
C LEU A 12 16.00 -1.86 0.05
N TYR A 13 14.93 -1.07 0.12
CA TYR A 13 15.05 0.37 0.41
C TYR A 13 15.89 0.66 1.66
N GLU A 14 16.14 -0.37 2.49
CA GLU A 14 16.96 -0.21 3.69
C GLU A 14 17.30 -1.56 4.31
N LEU A 15 18.03 -1.52 5.42
CA LEU A 15 18.42 -2.74 6.13
C LEU A 15 18.87 -2.41 7.55
N GLY A 16 17.91 -1.98 8.38
CA GLY A 16 18.23 -1.64 9.75
C GLY A 16 17.42 -0.46 10.25
N GLY A 17 16.96 -0.53 11.50
CA GLY A 17 16.18 0.54 12.07
C GLY A 17 14.68 0.30 11.96
N GLU A 18 14.28 -0.34 10.86
CA GLU A 18 12.87 -0.65 10.64
C GLU A 18 12.69 -2.10 10.18
N PRO A 19 13.10 -3.07 11.02
CA PRO A 19 12.97 -4.48 10.71
C PRO A 19 11.50 -4.90 10.70
N GLU A 20 10.69 -4.17 11.45
CA GLU A 20 9.26 -4.45 11.54
C GLU A 20 8.57 -4.06 10.23
N ARG A 21 8.82 -2.84 9.77
CA ARG A 21 8.21 -2.38 8.53
C ARG A 21 8.83 -3.10 7.34
N LYS A 22 10.11 -3.43 7.44
CA LYS A 22 10.78 -4.16 6.35
C LYS A 22 10.24 -5.58 6.30
N MET A 23 9.96 -6.15 7.47
CA MET A 23 9.41 -7.50 7.53
C MET A 23 8.01 -7.49 6.92
N TRP A 24 7.21 -6.51 7.36
CA TRP A 24 5.85 -6.36 6.86
C TRP A 24 5.88 -6.13 5.35
N VAL A 25 6.81 -5.31 4.91
CA VAL A 25 6.96 -5.02 3.50
C VAL A 25 7.19 -6.33 2.74
N ASP A 26 8.05 -7.18 3.33
CA ASP A 26 8.34 -8.47 2.74
C ASP A 26 7.07 -9.30 2.68
N ARG A 27 6.24 -9.18 3.72
CA ARG A 27 4.98 -9.91 3.76
C ARG A 27 4.05 -9.43 2.66
N TYR A 28 4.12 -8.14 2.36
CA TYR A 28 3.29 -7.55 1.31
C TYR A 28 3.67 -8.12 -0.04
N LEU A 29 4.97 -8.20 -0.29
CA LEU A 29 5.46 -8.75 -1.56
C LEU A 29 5.04 -10.21 -1.68
N ALA A 30 5.27 -10.96 -0.61
CA ALA A 30 4.91 -12.37 -0.57
C ALA A 30 3.40 -12.52 -0.71
N PHE A 31 2.68 -11.53 -0.19
CA PHE A 31 1.22 -11.54 -0.26
C PHE A 31 0.78 -11.45 -1.71
N THR A 32 1.38 -10.54 -2.46
CA THR A 32 1.02 -10.37 -3.87
C THR A 32 1.34 -11.63 -4.66
N GLU A 33 2.51 -12.20 -4.38
CA GLU A 33 2.94 -13.42 -5.05
C GLU A 33 2.05 -14.60 -4.65
N GLU A 34 1.53 -14.56 -3.43
CA GLU A 34 0.67 -15.61 -2.91
C GLU A 34 -0.57 -15.79 -3.79
N LYS A 35 -1.15 -14.68 -4.24
CA LYS A 35 -2.34 -14.74 -5.08
C LYS A 35 -1.97 -14.87 -6.55
N ALA A 36 -0.69 -15.10 -6.83
CA ALA A 36 -0.22 -15.21 -8.20
C ALA A 36 -0.52 -13.92 -8.94
N MET A 37 -0.81 -12.88 -8.17
CA MET A 37 -1.15 -11.57 -8.70
C MET A 37 -0.02 -11.02 -9.57
N GLY A 38 1.19 -11.50 -9.33
CA GLY A 38 2.33 -11.04 -10.11
C GLY A 38 3.61 -10.97 -9.28
N MET A 39 4.62 -11.72 -9.70
CA MET A 39 5.90 -11.74 -8.99
C MET A 39 6.76 -10.55 -9.40
N THR A 40 6.22 -9.71 -10.27
CA THR A 40 6.94 -8.52 -10.74
C THR A 40 6.52 -7.30 -9.93
N ASN A 41 6.70 -6.11 -10.50
CA ASN A 41 6.32 -4.89 -9.79
C ASN A 41 4.91 -4.50 -10.19
N LEU A 42 4.08 -4.22 -9.20
CA LEU A 42 2.69 -3.87 -9.43
C LEU A 42 2.27 -2.61 -8.66
N PRO A 43 2.56 -2.55 -7.34
CA PRO A 43 2.19 -1.40 -6.53
C PRO A 43 3.25 -0.31 -6.60
N ALA A 44 3.74 -0.02 -7.80
CA ALA A 44 4.78 0.98 -7.98
C ALA A 44 4.25 2.26 -8.62
N VAL A 45 4.79 3.39 -8.18
CA VAL A 45 4.38 4.71 -8.69
C VAL A 45 5.55 5.38 -9.41
N GLY A 46 5.22 6.27 -10.35
CA GLY A 46 6.23 6.99 -11.11
C GLY A 46 7.57 7.12 -10.41
N ARG A 47 7.59 7.85 -9.29
CA ARG A 47 8.83 8.04 -8.54
C ARG A 47 8.91 7.09 -7.35
N LYS A 48 10.01 6.34 -7.27
CA LYS A 48 10.23 5.39 -6.18
C LYS A 48 9.16 4.30 -6.17
N PRO A 49 9.49 3.11 -5.62
CA PRO A 49 8.56 1.98 -5.54
C PRO A 49 7.29 2.31 -4.76
N LEU A 50 6.60 1.29 -4.26
CA LEU A 50 5.37 1.51 -3.50
C LEU A 50 5.64 2.40 -2.28
N ASP A 51 6.90 2.47 -1.85
CA ASP A 51 7.26 3.28 -0.69
C ASP A 51 6.30 3.02 0.46
N LEU A 52 6.16 1.76 0.83
CA LEU A 52 5.24 1.36 1.89
C LEU A 52 5.63 1.97 3.24
N TYR A 53 6.93 2.09 3.50
CA TYR A 53 7.37 2.65 4.77
C TYR A 53 7.11 4.16 4.84
N ARG A 54 7.41 4.87 3.75
CA ARG A 54 7.18 6.31 3.70
C ARG A 54 5.70 6.59 3.66
N LEU A 55 4.96 5.69 3.02
CA LEU A 55 3.52 5.81 2.91
C LEU A 55 2.88 5.62 4.26
N TYR A 56 3.35 4.61 4.96
CA TYR A 56 2.84 4.25 6.27
C TYR A 56 3.09 5.38 7.27
N VAL A 57 4.30 5.93 7.27
CA VAL A 57 4.61 7.02 8.18
C VAL A 57 3.85 8.27 7.79
N SER A 58 3.70 8.50 6.49
CA SER A 58 2.99 9.66 6.01
C SER A 58 1.50 9.55 6.33
N VAL A 59 0.95 8.35 6.14
CA VAL A 59 -0.47 8.12 6.41
C VAL A 59 -0.71 8.23 7.91
N LYS A 60 0.30 7.83 8.69
CA LYS A 60 0.22 7.92 10.15
C LYS A 60 0.05 9.38 10.55
N GLU A 61 0.99 10.22 10.10
CA GLU A 61 0.95 11.64 10.40
C GLU A 61 -0.28 12.29 9.75
N ILE A 62 -0.66 11.73 8.60
CA ILE A 62 -1.82 12.21 7.86
C ILE A 62 -3.08 12.18 8.72
N GLY A 63 -3.19 11.15 9.55
CA GLY A 63 -4.36 11.02 10.41
C GLY A 63 -4.82 9.59 10.52
N GLY A 64 -4.80 8.88 9.39
CA GLY A 64 -5.23 7.51 9.35
C GLY A 64 -5.70 7.10 7.98
N LEU A 65 -6.37 5.96 7.88
CA LEU A 65 -6.87 5.47 6.60
C LEU A 65 -8.09 6.26 6.14
N THR A 66 -9.04 6.49 7.05
CA THR A 66 -10.25 7.23 6.70
C THR A 66 -9.92 8.68 6.40
N GLN A 67 -8.88 9.19 7.03
CA GLN A 67 -8.46 10.56 6.83
C GLN A 67 -8.04 10.78 5.38
N VAL A 68 -7.37 9.79 4.80
CA VAL A 68 -6.94 9.88 3.41
C VAL A 68 -8.14 10.01 2.48
N ASN A 69 -9.19 9.27 2.82
CA ASN A 69 -10.39 9.22 2.01
C ASN A 69 -11.19 10.53 1.96
N LYS A 70 -11.09 11.40 2.97
CA LYS A 70 -11.89 12.62 2.96
C LYS A 70 -11.10 13.90 3.29
N ASN A 71 -9.82 13.78 3.62
CA ASN A 71 -9.03 14.96 3.96
C ASN A 71 -8.12 15.44 2.83
N LYS A 72 -8.39 14.99 1.60
CA LYS A 72 -7.58 15.42 0.46
C LYS A 72 -6.11 15.11 0.70
N LYS A 73 -5.88 14.12 1.55
CA LYS A 73 -4.52 13.72 1.86
C LYS A 73 -3.89 13.01 0.68
N TRP A 74 -4.72 12.38 -0.17
CA TRP A 74 -4.18 11.68 -1.34
C TRP A 74 -3.24 12.59 -2.08
N ARG A 75 -3.61 13.86 -2.19
CA ARG A 75 -2.79 14.83 -2.87
C ARG A 75 -1.51 15.09 -2.07
N GLU A 76 -1.61 15.01 -0.74
CA GLU A 76 -0.46 15.23 0.12
C GLU A 76 0.53 14.07 0.05
N LEU A 77 0.03 12.83 0.12
CA LEU A 77 0.92 11.68 0.05
C LEU A 77 1.51 11.59 -1.36
N ALA A 78 0.72 12.02 -2.35
CA ALA A 78 1.19 12.01 -3.72
C ALA A 78 2.32 13.02 -3.86
N THR A 79 2.12 14.17 -3.24
CA THR A 79 3.10 15.24 -3.24
C THR A 79 4.30 14.89 -2.35
N ASN A 80 4.02 14.15 -1.27
CA ASN A 80 5.04 13.74 -0.32
C ASN A 80 6.09 12.84 -0.96
N LEU A 81 5.62 11.89 -1.74
CA LEU A 81 6.51 10.94 -2.41
C LEU A 81 6.93 11.48 -3.78
N ASN A 82 6.75 12.78 -3.96
CA ASN A 82 7.09 13.44 -5.21
C ASN A 82 6.66 12.61 -6.41
N VAL A 83 5.35 12.62 -6.69
CA VAL A 83 4.83 11.87 -7.81
C VAL A 83 4.37 12.80 -8.92
N GLY A 84 4.09 14.06 -8.55
CA GLY A 84 3.67 15.03 -9.55
C GLY A 84 2.79 16.13 -9.00
N THR A 85 1.81 15.78 -8.17
CA THR A 85 0.91 16.77 -7.59
C THR A 85 0.13 17.50 -8.68
N SER A 86 0.08 16.89 -9.87
CA SER A 86 -0.62 17.49 -11.00
C SER A 86 -2.09 17.07 -11.05
N SER A 87 -2.75 17.12 -9.89
CA SER A 87 -4.17 16.76 -9.79
C SER A 87 -4.41 15.27 -10.01
N SER A 88 -4.21 14.81 -11.26
CA SER A 88 -4.40 13.41 -11.59
C SER A 88 -3.48 12.52 -10.77
N ALA A 89 -2.38 13.09 -10.30
CA ALA A 89 -1.43 12.36 -9.49
C ALA A 89 -2.08 11.85 -8.21
N ALA A 90 -3.00 12.64 -7.66
CA ALA A 90 -3.71 12.26 -6.45
C ALA A 90 -4.57 11.03 -6.69
N SER A 91 -5.27 11.02 -7.82
CA SER A 91 -6.12 9.89 -8.17
C SER A 91 -5.29 8.62 -8.34
N SER A 92 -4.20 8.74 -9.10
CA SER A 92 -3.32 7.61 -9.33
C SER A 92 -2.70 7.13 -8.03
N LEU A 93 -2.29 8.08 -7.20
CA LEU A 93 -1.69 7.76 -5.91
C LEU A 93 -2.74 7.24 -4.95
N LYS A 94 -4.00 7.58 -5.22
CA LYS A 94 -5.10 7.11 -4.40
C LYS A 94 -5.29 5.63 -4.64
N LYS A 95 -5.28 5.25 -5.91
CA LYS A 95 -5.42 3.86 -6.31
C LYS A 95 -4.19 3.06 -5.90
N GLN A 96 -3.04 3.70 -5.93
CA GLN A 96 -1.80 3.04 -5.54
C GLN A 96 -1.77 2.86 -4.02
N TYR A 97 -2.18 3.91 -3.31
CA TYR A 97 -2.21 3.89 -1.86
C TYR A 97 -3.15 2.79 -1.38
N ILE A 98 -4.31 2.67 -2.01
CA ILE A 98 -5.26 1.65 -1.63
C ILE A 98 -4.72 0.28 -2.04
N GLN A 99 -4.28 0.15 -3.29
CA GLN A 99 -3.71 -1.12 -3.77
C GLN A 99 -2.51 -1.52 -2.93
N CYS A 100 -1.94 -0.54 -2.23
CA CYS A 100 -0.76 -0.78 -1.41
C CYS A 100 -1.10 -1.08 0.06
N LEU A 101 -2.10 -0.38 0.60
CA LEU A 101 -2.45 -0.54 2.02
C LEU A 101 -3.89 -1.00 2.24
N TYR A 102 -4.55 -1.54 1.21
CA TYR A 102 -5.93 -1.99 1.37
C TYR A 102 -5.99 -3.20 2.28
N ALA A 103 -5.24 -4.25 1.94
CA ALA A 103 -5.20 -5.44 2.75
C ALA A 103 -4.35 -5.19 3.98
N PHE A 104 -3.34 -4.34 3.81
CA PHE A 104 -2.46 -3.99 4.91
C PHE A 104 -3.23 -3.26 5.98
N GLU A 105 -4.26 -2.52 5.60
CA GLU A 105 -5.04 -1.81 6.60
C GLU A 105 -5.57 -2.79 7.62
N CYS A 106 -6.03 -3.94 7.14
CA CYS A 106 -6.52 -5.00 8.00
C CYS A 106 -5.36 -5.70 8.68
N LYS A 107 -4.26 -5.82 7.96
CA LYS A 107 -3.07 -6.48 8.46
C LYS A 107 -2.36 -5.63 9.53
N ILE A 108 -2.57 -4.31 9.48
CA ILE A 108 -1.93 -3.42 10.44
C ILE A 108 -2.79 -3.20 11.69
N GLU A 109 -4.11 -3.23 11.53
CA GLU A 109 -5.03 -3.01 12.65
C GLU A 109 -5.55 -4.31 13.26
N ARG A 110 -5.88 -5.29 12.42
CA ARG A 110 -6.41 -6.56 12.90
C ARG A 110 -5.58 -7.75 12.44
N GLY A 111 -5.76 -8.89 13.09
CA GLY A 111 -5.01 -10.08 12.73
C GLY A 111 -3.51 -9.89 12.89
N GLU A 112 -3.13 -8.77 13.50
CA GLU A 112 -1.72 -8.47 13.72
C GLU A 112 -1.37 -8.58 15.20
N ASP A 113 -2.39 -8.66 16.04
CA ASP A 113 -2.21 -8.78 17.49
C ASP A 113 -2.36 -10.23 17.93
N PRO A 114 -1.55 -10.68 18.92
CA PRO A 114 -1.61 -12.06 19.43
C PRO A 114 -3.03 -12.64 19.45
N PRO A 115 -3.20 -13.88 18.95
CA PRO A 115 -4.51 -14.54 18.92
C PRO A 115 -5.16 -14.64 20.29
N PRO A 116 -6.32 -13.98 20.50
CA PRO A 116 -7.02 -14.01 21.77
C PRO A 116 -7.98 -15.20 21.89
N ASP A 117 -7.74 -16.22 21.05
CA ASP A 117 -8.56 -17.42 21.05
C ASP A 117 -10.01 -17.08 20.69
N ILE A 118 -10.20 -15.94 20.04
CA ILE A 118 -11.53 -15.50 19.64
C ILE A 118 -12.09 -16.38 18.52
N PHE A 119 -13.41 -16.49 18.48
CA PHE A 119 -14.08 -17.30 17.46
C PHE A 119 -13.64 -18.75 17.53
N ALA A 120 -14.09 -19.54 16.56
CA ALA A 120 -13.74 -20.95 16.51
C ALA A 120 -13.91 -21.51 15.09
N SER A 1 1.56 2.46 -22.83
CA SER A 1 0.14 2.37 -22.41
C SER A 1 0.01 1.84 -21.00
N SER A 2 0.93 0.96 -20.62
CA SER A 2 0.92 0.37 -19.29
C SER A 2 1.44 1.36 -18.25
N THR A 3 0.75 1.45 -17.12
CA THR A 3 1.14 2.37 -16.05
C THR A 3 1.74 1.61 -14.86
N THR A 4 1.85 0.29 -15.01
CA THR A 4 2.40 -0.54 -13.94
C THR A 4 3.92 -0.65 -14.04
N THR A 5 4.60 -0.32 -12.95
CA THR A 5 6.05 -0.41 -12.88
C THR A 5 6.52 -1.82 -13.21
N ASN A 6 7.71 -1.94 -13.80
CA ASN A 6 8.26 -3.24 -14.13
C ASN A 6 8.53 -4.05 -12.87
N GLU A 7 8.24 -3.45 -11.72
CA GLU A 7 8.43 -4.09 -10.43
C GLU A 7 7.16 -4.76 -9.94
N LYS A 8 7.14 -6.08 -9.96
CA LYS A 8 5.99 -6.84 -9.50
C LYS A 8 5.93 -6.78 -7.97
N ILE A 9 7.04 -7.12 -7.35
CA ILE A 9 7.15 -7.15 -5.90
C ILE A 9 7.37 -5.76 -5.31
N THR A 10 7.75 -5.74 -4.03
CA THR A 10 8.01 -4.48 -3.33
C THR A 10 8.91 -4.70 -2.12
N LYS A 11 9.10 -5.95 -1.71
CA LYS A 11 9.96 -6.24 -0.56
C LYS A 11 11.36 -5.73 -0.88
N LEU A 12 11.63 -5.64 -2.18
CA LEU A 12 12.89 -5.17 -2.70
C LEU A 12 13.24 -3.77 -2.20
N TYR A 13 12.23 -2.93 -1.94
CA TYR A 13 12.48 -1.55 -1.52
C TYR A 13 13.43 -1.47 -0.32
N GLU A 14 13.68 -2.59 0.35
CA GLU A 14 14.64 -2.65 1.45
C GLU A 14 15.09 -4.09 1.69
N LEU A 15 15.94 -4.27 2.69
CA LEU A 15 16.44 -5.61 3.01
C LEU A 15 16.84 -5.69 4.49
N GLY A 16 16.77 -4.55 5.17
CA GLY A 16 17.12 -4.51 6.58
C GLY A 16 16.14 -3.71 7.41
N GLY A 17 15.53 -4.36 8.40
CA GLY A 17 14.57 -3.68 9.24
C GLY A 17 13.14 -3.77 8.72
N GLU A 18 12.19 -3.40 9.56
CA GLU A 18 10.78 -3.44 9.18
C GLU A 18 10.37 -4.81 8.69
N PRO A 19 10.70 -5.89 9.43
CA PRO A 19 10.34 -7.25 9.03
C PRO A 19 8.83 -7.45 9.05
N GLU A 20 8.14 -6.59 9.80
CA GLU A 20 6.69 -6.67 9.89
C GLU A 20 6.05 -6.19 8.59
N ARG A 21 6.39 -4.96 8.19
CA ARG A 21 5.87 -4.40 6.95
C ARG A 21 6.42 -5.16 5.75
N LYS A 22 7.66 -5.63 5.89
CA LYS A 22 8.31 -6.38 4.84
C LYS A 22 7.68 -7.76 4.70
N MET A 23 7.27 -8.35 5.82
CA MET A 23 6.63 -9.65 5.78
C MET A 23 5.25 -9.52 5.15
N TRP A 24 4.51 -8.50 5.57
CA TRP A 24 3.19 -8.25 5.03
C TRP A 24 3.27 -7.89 3.56
N VAL A 25 4.34 -7.20 3.16
CA VAL A 25 4.52 -6.80 1.78
C VAL A 25 4.78 -8.03 0.91
N ASP A 26 5.70 -8.89 1.35
CA ASP A 26 6.04 -10.09 0.59
C ASP A 26 4.87 -11.07 0.57
N ARG A 27 4.16 -11.15 1.70
CA ARG A 27 3.02 -12.04 1.82
C ARG A 27 1.86 -11.53 0.97
N TYR A 28 1.75 -10.21 0.87
CA TYR A 28 0.69 -9.60 0.07
C TYR A 28 0.92 -9.91 -1.41
N LEU A 29 2.16 -9.73 -1.86
CA LEU A 29 2.50 -9.98 -3.24
C LEU A 29 2.30 -11.45 -3.60
N ALA A 30 2.80 -12.33 -2.74
CA ALA A 30 2.64 -13.76 -2.97
C ALA A 30 1.16 -14.11 -2.90
N PHE A 31 0.42 -13.37 -2.09
CA PHE A 31 -1.01 -13.59 -1.95
C PHE A 31 -1.71 -13.30 -3.27
N THR A 32 -1.34 -12.19 -3.91
CA THR A 32 -1.96 -11.82 -5.19
C THR A 32 -1.62 -12.85 -6.26
N GLU A 33 -0.36 -13.26 -6.32
CA GLU A 33 0.07 -14.24 -7.31
C GLU A 33 -0.52 -15.60 -7.00
N GLU A 34 -0.75 -15.88 -5.71
CA GLU A 34 -1.31 -17.15 -5.29
C GLU A 34 -2.67 -17.43 -5.95
N LYS A 35 -3.50 -16.39 -6.04
CA LYS A 35 -4.82 -16.52 -6.65
C LYS A 35 -4.75 -16.25 -8.14
N ALA A 36 -3.52 -16.14 -8.65
CA ALA A 36 -3.31 -15.86 -10.06
C ALA A 36 -3.81 -14.45 -10.38
N MET A 37 -4.03 -13.68 -9.31
CA MET A 37 -4.51 -12.31 -9.44
C MET A 37 -3.58 -11.51 -10.35
N GLY A 38 -2.31 -11.90 -10.35
CA GLY A 38 -1.33 -11.21 -11.17
C GLY A 38 0.08 -11.39 -10.65
N MET A 39 0.66 -12.57 -10.88
CA MET A 39 2.03 -12.85 -10.45
C MET A 39 2.97 -11.78 -10.99
N THR A 40 2.53 -11.10 -12.05
CA THR A 40 3.31 -10.02 -12.65
C THR A 40 3.06 -8.74 -11.87
N ASN A 41 3.31 -7.58 -12.46
CA ASN A 41 3.10 -6.34 -11.73
C ASN A 41 1.69 -5.80 -11.97
N LEU A 42 1.02 -5.51 -10.86
CA LEU A 42 -0.35 -5.00 -10.91
C LEU A 42 -0.50 -3.80 -9.96
N PRO A 43 -0.16 -3.97 -8.66
CA PRO A 43 -0.25 -2.89 -7.67
C PRO A 43 0.84 -1.84 -7.87
N ALA A 44 1.23 -1.59 -9.11
CA ALA A 44 2.26 -0.62 -9.42
C ALA A 44 1.65 0.64 -10.03
N VAL A 45 2.21 1.80 -9.69
CA VAL A 45 1.70 3.06 -10.21
C VAL A 45 2.66 3.69 -11.21
N GLY A 46 2.10 4.51 -12.10
CA GLY A 46 2.87 5.19 -13.14
C GLY A 46 4.32 5.45 -12.76
N ARG A 47 4.55 5.98 -11.57
CA ARG A 47 5.90 6.29 -11.12
C ARG A 47 6.52 5.11 -10.35
N LYS A 48 6.72 5.29 -9.05
CA LYS A 48 7.30 4.23 -8.22
C LYS A 48 6.44 2.97 -8.28
N PRO A 49 7.02 1.80 -7.96
CA PRO A 49 6.30 0.52 -7.97
C PRO A 49 5.01 0.56 -7.14
N LEU A 50 5.00 -0.10 -5.98
CA LEU A 50 3.81 -0.12 -5.14
C LEU A 50 3.93 0.90 -4.01
N ASP A 51 5.07 0.87 -3.32
CA ASP A 51 5.32 1.77 -2.20
C ASP A 51 4.29 1.52 -1.10
N LEU A 52 4.04 0.24 -0.83
CA LEU A 52 3.06 -0.16 0.19
C LEU A 52 3.45 0.35 1.57
N TYR A 53 4.74 0.47 1.83
CA TYR A 53 5.21 0.94 3.14
C TYR A 53 4.92 2.43 3.32
N ARG A 54 5.23 3.21 2.30
CA ARG A 54 4.99 4.64 2.34
C ARG A 54 3.50 4.90 2.24
N LEU A 55 2.84 4.03 1.48
CA LEU A 55 1.41 4.11 1.28
C LEU A 55 0.68 3.74 2.58
N TYR A 56 1.29 2.81 3.32
CA TYR A 56 0.73 2.36 4.58
C TYR A 56 0.79 3.47 5.62
N VAL A 57 1.97 4.06 5.77
CA VAL A 57 2.15 5.15 6.73
C VAL A 57 1.38 6.38 6.26
N SER A 58 1.25 6.53 4.95
CA SER A 58 0.55 7.67 4.38
C SER A 58 -0.96 7.51 4.57
N VAL A 59 -1.47 6.30 4.38
CA VAL A 59 -2.90 6.07 4.56
C VAL A 59 -3.25 6.19 6.03
N LYS A 60 -2.32 5.77 6.88
CA LYS A 60 -2.51 5.86 8.32
C LYS A 60 -2.60 7.33 8.72
N GLU A 61 -1.64 8.12 8.27
CA GLU A 61 -1.61 9.55 8.56
C GLU A 61 -2.77 10.25 7.85
N ILE A 62 -3.15 9.71 6.70
CA ILE A 62 -4.25 10.25 5.90
C ILE A 62 -5.53 10.35 6.74
N GLY A 63 -5.69 9.42 7.67
CA GLY A 63 -6.87 9.42 8.53
C GLY A 63 -7.43 8.04 8.73
N GLY A 64 -7.54 7.29 7.65
CA GLY A 64 -8.08 5.94 7.70
C GLY A 64 -8.67 5.52 6.37
N LEU A 65 -9.08 4.27 6.25
CA LEU A 65 -9.64 3.75 5.00
C LEU A 65 -10.86 4.53 4.54
N THR A 66 -11.67 5.02 5.48
CA THR A 66 -12.86 5.78 5.13
C THR A 66 -12.49 7.19 4.68
N GLN A 67 -11.42 7.72 5.25
CA GLN A 67 -10.95 9.06 4.91
C GLN A 67 -10.41 9.09 3.49
N VAL A 68 -9.72 8.03 3.10
CA VAL A 68 -9.16 7.95 1.76
C VAL A 68 -10.28 7.83 0.73
N ASN A 69 -11.34 7.14 1.14
CA ASN A 69 -12.49 6.89 0.27
C ASN A 69 -13.36 8.13 0.02
N LYS A 70 -13.36 9.11 0.92
CA LYS A 70 -14.23 10.27 0.74
C LYS A 70 -13.57 11.63 0.96
N ASN A 71 -12.30 11.66 1.35
CA ASN A 71 -11.62 12.94 1.60
C ASN A 71 -10.71 13.36 0.43
N LYS A 72 -10.91 12.75 -0.74
CA LYS A 72 -10.09 13.08 -1.91
C LYS A 72 -8.63 12.83 -1.63
N LYS A 73 -8.38 11.91 -0.72
CA LYS A 73 -7.01 11.56 -0.38
C LYS A 73 -6.33 10.92 -1.55
N TRP A 74 -7.09 10.19 -2.38
CA TRP A 74 -6.52 9.52 -3.54
C TRP A 74 -5.57 10.46 -4.27
N ARG A 75 -6.03 11.69 -4.48
CA ARG A 75 -5.20 12.66 -5.16
C ARG A 75 -4.00 13.04 -4.28
N GLU A 76 -4.22 13.02 -2.96
CA GLU A 76 -3.18 13.35 -2.01
C GLU A 76 -2.09 12.27 -1.98
N LEU A 77 -2.48 11.00 -1.92
CA LEU A 77 -1.50 9.92 -1.91
C LEU A 77 -0.78 9.89 -3.25
N ALA A 78 -1.52 10.22 -4.30
CA ALA A 78 -0.94 10.28 -5.64
C ALA A 78 0.17 11.32 -5.65
N THR A 79 -0.10 12.45 -5.02
CA THR A 79 0.86 13.55 -4.93
C THR A 79 1.99 13.18 -3.97
N ASN A 80 1.64 12.42 -2.93
CA ASN A 80 2.59 12.00 -1.91
C ASN A 80 3.57 10.96 -2.45
N LEU A 81 3.16 10.25 -3.50
CA LEU A 81 4.01 9.21 -4.09
C LEU A 81 4.59 9.64 -5.44
N ASN A 82 4.47 10.94 -5.74
CA ASN A 82 5.00 11.50 -6.99
C ASN A 82 4.52 10.73 -8.22
N VAL A 83 3.22 10.57 -8.34
CA VAL A 83 2.63 9.87 -9.49
C VAL A 83 1.79 10.83 -10.33
N GLY A 84 1.37 11.91 -9.71
CA GLY A 84 0.55 12.91 -10.36
C GLY A 84 -0.38 13.57 -9.37
N THR A 85 -1.07 14.62 -9.79
CA THR A 85 -1.99 15.31 -8.88
C THR A 85 -3.31 15.66 -9.55
N SER A 86 -3.51 15.16 -10.76
CA SER A 86 -4.75 15.45 -11.49
C SER A 86 -4.96 14.45 -12.63
N SER A 87 -6.07 14.60 -13.33
CA SER A 87 -6.41 13.74 -14.45
C SER A 87 -6.65 12.28 -14.02
N SER A 88 -6.00 11.35 -14.71
CA SER A 88 -6.14 9.93 -14.45
C SER A 88 -5.38 9.46 -13.21
N ALA A 89 -4.38 10.23 -12.77
CA ALA A 89 -3.56 9.83 -11.62
C ALA A 89 -4.39 9.59 -10.34
N ALA A 90 -5.35 10.45 -10.05
CA ALA A 90 -6.17 10.27 -8.85
C ALA A 90 -7.03 9.01 -8.95
N SER A 91 -7.69 8.84 -10.09
CA SER A 91 -8.53 7.68 -10.31
C SER A 91 -7.70 6.40 -10.36
N SER A 92 -6.54 6.49 -10.99
CA SER A 92 -5.66 5.34 -11.11
C SER A 92 -5.07 4.99 -9.75
N LEU A 93 -4.73 6.02 -8.98
CA LEU A 93 -4.17 5.80 -7.66
C LEU A 93 -5.25 5.31 -6.72
N LYS A 94 -6.51 5.60 -7.07
CA LYS A 94 -7.64 5.13 -6.28
C LYS A 94 -7.73 3.62 -6.41
N LYS A 95 -7.85 3.16 -7.66
CA LYS A 95 -7.95 1.73 -7.93
C LYS A 95 -6.65 1.04 -7.54
N GLN A 96 -5.54 1.75 -7.67
CA GLN A 96 -4.25 1.20 -7.30
C GLN A 96 -4.16 1.07 -5.79
N TYR A 97 -4.67 2.07 -5.07
CA TYR A 97 -4.64 2.06 -3.62
C TYR A 97 -5.44 0.88 -3.09
N ILE A 98 -6.64 0.70 -3.62
CA ILE A 98 -7.49 -0.41 -3.19
C ILE A 98 -6.86 -1.74 -3.60
N GLN A 99 -6.44 -1.83 -4.85
CA GLN A 99 -5.81 -3.05 -5.36
C GLN A 99 -4.46 -3.29 -4.68
N CYS A 100 -3.92 -2.23 -4.07
CA CYS A 100 -2.61 -2.33 -3.42
C CYS A 100 -2.73 -2.78 -1.96
N LEU A 101 -3.77 -2.34 -1.24
CA LEU A 101 -3.88 -2.72 0.16
C LEU A 101 -5.33 -2.88 0.65
N TYR A 102 -6.24 -3.37 -0.18
CA TYR A 102 -7.61 -3.57 0.27
C TYR A 102 -7.65 -4.69 1.29
N ALA A 103 -6.85 -5.72 1.04
CA ALA A 103 -6.74 -6.85 1.94
C ALA A 103 -6.09 -6.41 3.24
N PHE A 104 -5.26 -5.37 3.13
CA PHE A 104 -4.55 -4.84 4.29
C PHE A 104 -5.52 -4.47 5.40
N GLU A 105 -6.74 -4.10 5.05
CA GLU A 105 -7.71 -3.75 6.08
C GLU A 105 -8.00 -4.96 6.98
N CYS A 106 -8.23 -6.10 6.36
CA CYS A 106 -8.52 -7.32 7.11
C CYS A 106 -7.26 -7.83 7.79
N LYS A 107 -6.13 -7.62 7.13
CA LYS A 107 -4.85 -8.07 7.64
C LYS A 107 -4.28 -7.19 8.75
N ILE A 108 -4.46 -5.87 8.65
CA ILE A 108 -3.89 -4.96 9.64
C ILE A 108 -4.80 -4.58 10.81
N GLU A 109 -6.07 -4.25 10.53
CA GLU A 109 -6.98 -3.82 11.60
C GLU A 109 -7.97 -4.90 12.09
N ARG A 110 -8.56 -5.65 11.16
CA ARG A 110 -9.56 -6.67 11.51
C ARG A 110 -9.30 -7.33 12.86
N GLY A 111 -8.55 -8.43 12.85
CA GLY A 111 -8.24 -9.12 14.09
C GLY A 111 -6.77 -9.06 14.43
N GLU A 112 -6.27 -7.85 14.62
CA GLU A 112 -4.86 -7.65 14.92
C GLU A 112 -4.67 -6.82 16.19
N ASP A 113 -5.63 -5.94 16.46
CA ASP A 113 -5.56 -5.07 17.64
C ASP A 113 -5.43 -5.91 18.92
N PRO A 114 -4.79 -5.35 19.96
CA PRO A 114 -4.60 -6.05 21.23
C PRO A 114 -5.91 -6.20 22.02
N PRO A 115 -6.24 -7.43 22.47
CA PRO A 115 -7.46 -7.68 23.23
C PRO A 115 -7.35 -7.25 24.70
N PRO A 116 -8.47 -6.88 25.32
CA PRO A 116 -8.50 -6.45 26.72
C PRO A 116 -8.64 -7.63 27.67
N ASP A 117 -8.29 -8.83 27.18
CA ASP A 117 -8.37 -10.05 27.98
C ASP A 117 -9.82 -10.32 28.40
N ILE A 118 -10.65 -10.64 27.41
CA ILE A 118 -12.06 -10.92 27.65
C ILE A 118 -12.30 -12.43 27.73
N PHE A 119 -13.21 -12.84 28.62
CA PHE A 119 -13.54 -14.25 28.79
C PHE A 119 -12.30 -15.05 29.20
N ALA A 120 -12.43 -16.37 29.21
CA ALA A 120 -11.33 -17.25 29.58
C ALA A 120 -10.90 -17.01 31.02
N SER A 1 1.24 9.64 -16.48
CA SER A 1 1.42 8.27 -15.94
C SER A 1 0.14 7.78 -15.27
N SER A 2 -0.35 6.63 -15.70
CA SER A 2 -1.57 6.05 -15.14
C SER A 2 -1.52 4.53 -15.17
N THR A 3 -0.31 3.98 -15.32
CA THR A 3 -0.11 2.54 -15.37
C THR A 3 0.54 2.02 -14.09
N THR A 4 0.85 0.73 -14.07
CA THR A 4 1.49 0.11 -12.92
C THR A 4 3.00 -0.01 -13.09
N THR A 5 3.74 0.28 -12.02
CA THR A 5 5.19 0.20 -12.04
C THR A 5 5.64 -1.19 -12.45
N ASN A 6 6.80 -1.28 -13.10
CA ASN A 6 7.34 -2.56 -13.54
C ASN A 6 7.71 -3.43 -12.34
N GLU A 7 7.44 -2.93 -11.15
CA GLU A 7 7.74 -3.64 -9.92
C GLU A 7 6.52 -4.40 -9.40
N LYS A 8 6.57 -5.72 -9.50
CA LYS A 8 5.47 -6.56 -9.03
C LYS A 8 5.49 -6.66 -7.51
N ILE A 9 6.68 -6.91 -6.97
CA ILE A 9 6.87 -7.06 -5.54
C ILE A 9 7.01 -5.69 -4.88
N THR A 10 7.44 -5.68 -3.61
CA THR A 10 7.61 -4.42 -2.90
C THR A 10 8.57 -4.55 -1.72
N LYS A 11 8.94 -5.76 -1.33
CA LYS A 11 9.89 -5.89 -0.23
C LYS A 11 11.16 -5.17 -0.67
N LEU A 12 11.36 -5.20 -1.99
CA LEU A 12 12.48 -4.53 -2.63
C LEU A 12 12.34 -3.03 -2.51
N TYR A 13 11.08 -2.58 -2.55
CA TYR A 13 10.75 -1.16 -2.47
C TYR A 13 11.38 -0.51 -1.23
N GLU A 14 11.63 -1.30 -0.19
CA GLU A 14 12.23 -0.76 1.03
C GLU A 14 13.72 -1.09 1.09
N LEU A 15 14.04 -2.36 1.36
CA LEU A 15 15.44 -2.79 1.46
C LEU A 15 16.20 -1.99 2.50
N GLY A 16 15.46 -1.35 3.40
CA GLY A 16 16.07 -0.55 4.45
C GLY A 16 15.23 -0.49 5.70
N GLY A 17 15.46 -1.43 6.61
CA GLY A 17 14.71 -1.47 7.85
C GLY A 17 13.28 -1.91 7.62
N GLU A 18 12.43 -1.67 8.63
CA GLU A 18 11.02 -2.04 8.53
C GLU A 18 10.85 -3.53 8.23
N PRO A 19 11.24 -4.40 9.19
CA PRO A 19 11.13 -5.84 9.02
C PRO A 19 9.67 -6.31 9.03
N GLU A 20 8.89 -5.72 9.93
CA GLU A 20 7.48 -6.06 10.05
C GLU A 20 6.72 -5.61 8.80
N ARG A 21 7.06 -4.41 8.32
CA ARG A 21 6.42 -3.87 7.13
C ARG A 21 6.84 -4.62 5.88
N LYS A 22 8.10 -5.04 5.82
CA LYS A 22 8.59 -5.79 4.67
C LYS A 22 7.98 -7.19 4.68
N MET A 23 7.78 -7.72 5.89
CA MET A 23 7.17 -9.04 6.02
C MET A 23 5.72 -8.98 5.57
N TRP A 24 5.00 -7.99 6.07
CA TRP A 24 3.60 -7.80 5.73
C TRP A 24 3.46 -7.58 4.23
N VAL A 25 4.35 -6.75 3.68
CA VAL A 25 4.32 -6.48 2.26
C VAL A 25 4.55 -7.77 1.47
N ASP A 26 5.46 -8.61 1.97
CA ASP A 26 5.74 -9.88 1.35
C ASP A 26 4.49 -10.76 1.43
N ARG A 27 3.74 -10.60 2.52
CA ARG A 27 2.50 -11.36 2.69
C ARG A 27 1.56 -10.98 1.56
N TYR A 28 1.53 -9.68 1.27
CA TYR A 28 0.70 -9.15 0.19
C TYR A 28 1.15 -9.78 -1.12
N LEU A 29 2.45 -9.93 -1.28
CA LEU A 29 3.01 -10.55 -2.47
C LEU A 29 2.46 -11.97 -2.63
N ALA A 30 2.51 -12.74 -1.55
CA ALA A 30 2.01 -14.09 -1.56
C ALA A 30 0.50 -14.09 -1.80
N PHE A 31 -0.15 -13.05 -1.30
CA PHE A 31 -1.59 -12.90 -1.46
C PHE A 31 -1.95 -12.75 -2.93
N THR A 32 -1.20 -11.89 -3.64
CA THR A 32 -1.45 -11.66 -5.05
C THR A 32 -1.20 -12.94 -5.84
N GLU A 33 -0.11 -13.62 -5.51
CA GLU A 33 0.22 -14.88 -6.16
C GLU A 33 -0.83 -15.94 -5.84
N GLU A 34 -1.41 -15.83 -4.65
CA GLU A 34 -2.42 -16.77 -4.19
C GLU A 34 -3.63 -16.83 -5.12
N LYS A 35 -4.08 -15.67 -5.60
CA LYS A 35 -5.24 -15.60 -6.48
C LYS A 35 -4.87 -15.97 -7.91
N ALA A 36 -3.65 -16.47 -8.09
CA ALA A 36 -3.17 -16.83 -9.42
C ALA A 36 -3.15 -15.58 -10.29
N MET A 37 -3.22 -14.44 -9.62
CA MET A 37 -3.21 -13.13 -10.27
C MET A 37 -1.95 -12.94 -11.09
N GLY A 38 -0.95 -13.77 -10.84
CA GLY A 38 0.30 -13.67 -11.57
C GLY A 38 1.36 -12.92 -10.79
N MET A 39 2.62 -13.27 -11.01
CA MET A 39 3.72 -12.58 -10.35
C MET A 39 3.97 -11.25 -11.03
N THR A 40 2.88 -10.60 -11.44
CA THR A 40 2.95 -9.33 -12.12
C THR A 40 2.62 -8.18 -11.19
N ASN A 41 2.70 -6.96 -11.71
CA ASN A 41 2.43 -5.78 -10.91
C ASN A 41 0.99 -5.31 -11.05
N LEU A 42 0.36 -5.06 -9.91
CA LEU A 42 -1.02 -4.58 -9.88
C LEU A 42 -1.15 -3.40 -8.91
N PRO A 43 -0.73 -3.57 -7.64
CA PRO A 43 -0.78 -2.49 -6.64
C PRO A 43 0.32 -1.46 -6.84
N ALA A 44 0.71 -1.23 -8.09
CA ALA A 44 1.77 -0.28 -8.39
C ALA A 44 1.22 0.99 -9.04
N VAL A 45 1.81 2.12 -8.70
CA VAL A 45 1.39 3.41 -9.23
C VAL A 45 2.43 3.97 -10.20
N GLY A 46 1.96 4.79 -11.14
CA GLY A 46 2.83 5.40 -12.15
C GLY A 46 4.29 5.54 -11.71
N ARG A 47 4.54 6.37 -10.72
CA ARG A 47 5.90 6.59 -10.23
C ARG A 47 6.44 5.36 -9.50
N LYS A 48 6.54 5.43 -8.19
CA LYS A 48 7.06 4.33 -7.39
C LYS A 48 6.10 3.13 -7.42
N PRO A 49 6.60 1.92 -7.10
CA PRO A 49 5.80 0.69 -7.10
C PRO A 49 4.53 0.80 -6.24
N LEU A 50 4.49 0.10 -5.11
CA LEU A 50 3.31 0.14 -4.24
C LEU A 50 3.45 1.21 -3.16
N ASP A 51 4.58 1.22 -2.45
CA ASP A 51 4.80 2.18 -1.38
C ASP A 51 3.73 1.99 -0.30
N LEU A 52 3.45 0.74 -0.01
CA LEU A 52 2.43 0.37 0.98
C LEU A 52 2.70 0.91 2.37
N TYR A 53 3.93 0.75 2.87
CA TYR A 53 4.24 1.19 4.22
C TYR A 53 4.04 2.70 4.37
N ARG A 54 4.55 3.47 3.41
CA ARG A 54 4.38 4.91 3.46
C ARG A 54 2.90 5.20 3.34
N LEU A 55 2.24 4.31 2.62
CA LEU A 55 0.80 4.40 2.39
C LEU A 55 0.07 4.10 3.69
N TYR A 56 0.65 3.22 4.50
CA TYR A 56 0.07 2.83 5.78
C TYR A 56 0.12 3.98 6.77
N VAL A 57 1.30 4.57 6.93
CA VAL A 57 1.47 5.69 7.84
C VAL A 57 0.73 6.91 7.30
N SER A 58 0.67 7.02 5.98
CA SER A 58 0.01 8.15 5.36
C SER A 58 -1.51 8.01 5.50
N VAL A 59 -2.03 6.79 5.36
CA VAL A 59 -3.46 6.59 5.51
C VAL A 59 -3.85 6.77 6.96
N LYS A 60 -2.95 6.39 7.86
CA LYS A 60 -3.17 6.55 9.28
C LYS A 60 -3.32 8.03 9.61
N GLU A 61 -2.34 8.82 9.17
CA GLU A 61 -2.35 10.26 9.39
C GLU A 61 -3.47 10.92 8.61
N ILE A 62 -3.81 10.33 7.45
CA ILE A 62 -4.85 10.86 6.59
C ILE A 62 -6.18 11.05 7.32
N GLY A 63 -6.52 10.11 8.20
CA GLY A 63 -7.76 10.22 8.93
C GLY A 63 -8.51 8.90 9.05
N GLY A 64 -7.98 7.87 8.41
CA GLY A 64 -8.60 6.56 8.44
C GLY A 64 -9.09 6.13 7.07
N LEU A 65 -9.46 4.85 6.94
CA LEU A 65 -9.90 4.31 5.66
C LEU A 65 -11.12 5.06 5.14
N THR A 66 -12.16 5.18 5.96
CA THR A 66 -13.37 5.87 5.56
C THR A 66 -13.10 7.33 5.23
N GLN A 67 -12.09 7.89 5.88
CA GLN A 67 -11.72 9.28 5.67
C GLN A 67 -11.14 9.48 4.27
N VAL A 68 -10.32 8.53 3.83
CA VAL A 68 -9.71 8.59 2.51
C VAL A 68 -10.77 8.54 1.42
N ASN A 69 -11.85 7.85 1.71
CA ASN A 69 -12.94 7.65 0.76
C ASN A 69 -13.78 8.91 0.48
N LYS A 70 -13.88 9.81 1.45
CA LYS A 70 -14.71 11.00 1.24
C LYS A 70 -14.01 12.33 1.55
N ASN A 71 -12.74 12.28 1.93
CA ASN A 71 -12.02 13.51 2.25
C ASN A 71 -11.10 13.97 1.11
N LYS A 72 -11.30 13.42 -0.10
CA LYS A 72 -10.46 13.79 -1.25
C LYS A 72 -9.01 13.54 -0.94
N LYS A 73 -8.78 12.66 0.01
CA LYS A 73 -7.42 12.31 0.39
C LYS A 73 -6.72 11.59 -0.74
N TRP A 74 -7.51 10.89 -1.58
CA TRP A 74 -6.93 10.17 -2.70
C TRP A 74 -5.94 11.05 -3.44
N ARG A 75 -6.33 12.30 -3.67
CA ARG A 75 -5.44 13.23 -4.35
C ARG A 75 -4.22 13.52 -3.47
N GLU A 76 -4.43 13.54 -2.16
CA GLU A 76 -3.36 13.81 -1.22
C GLU A 76 -2.34 12.66 -1.19
N LEU A 77 -2.81 11.41 -1.10
CA LEU A 77 -1.90 10.28 -1.09
C LEU A 77 -1.20 10.18 -2.43
N ALA A 78 -1.91 10.57 -3.49
CA ALA A 78 -1.34 10.56 -4.83
C ALA A 78 -0.15 11.52 -4.87
N THR A 79 -0.35 12.69 -4.28
CA THR A 79 0.70 13.71 -4.21
C THR A 79 1.77 13.31 -3.20
N ASN A 80 1.36 12.66 -2.12
CA ASN A 80 2.26 12.24 -1.05
C ASN A 80 3.31 11.27 -1.58
N LEU A 81 2.87 10.33 -2.42
CA LEU A 81 3.76 9.34 -2.99
C LEU A 81 4.28 9.80 -4.36
N ASN A 82 4.06 11.07 -4.64
CA ASN A 82 4.49 11.68 -5.89
C ASN A 82 4.11 10.81 -7.08
N VAL A 83 2.84 10.87 -7.48
CA VAL A 83 2.37 10.09 -8.61
C VAL A 83 1.94 11.00 -9.75
N GLY A 84 1.62 12.25 -9.43
CA GLY A 84 1.21 13.20 -10.44
C GLY A 84 0.28 14.27 -9.92
N THR A 85 -0.53 13.91 -8.91
CA THR A 85 -1.47 14.84 -8.32
C THR A 85 -2.50 15.32 -9.35
N SER A 86 -2.51 14.69 -10.52
CA SER A 86 -3.43 15.06 -11.58
C SER A 86 -4.84 14.56 -11.27
N SER A 87 -5.78 14.83 -12.18
CA SER A 87 -7.15 14.41 -12.01
C SER A 87 -7.28 12.90 -12.10
N SER A 88 -6.59 12.31 -13.09
CA SER A 88 -6.63 10.87 -13.29
C SER A 88 -5.75 10.15 -12.26
N ALA A 89 -4.75 10.86 -11.75
CA ALA A 89 -3.85 10.28 -10.75
C ALA A 89 -4.59 9.96 -9.47
N ALA A 90 -5.57 10.79 -9.12
CA ALA A 90 -6.35 10.58 -7.91
C ALA A 90 -7.21 9.32 -8.04
N SER A 91 -7.88 9.17 -9.18
CA SER A 91 -8.73 8.01 -9.41
C SER A 91 -7.89 6.75 -9.46
N SER A 92 -6.74 6.83 -10.12
CA SER A 92 -5.85 5.68 -10.23
C SER A 92 -5.29 5.32 -8.87
N LEU A 93 -4.92 6.34 -8.10
CA LEU A 93 -4.38 6.12 -6.76
C LEU A 93 -5.48 5.64 -5.83
N LYS A 94 -6.72 5.95 -6.19
CA LYS A 94 -7.87 5.52 -5.40
C LYS A 94 -8.02 4.00 -5.54
N LYS A 95 -8.03 3.55 -6.79
CA LYS A 95 -8.16 2.13 -7.09
C LYS A 95 -6.93 1.37 -6.59
N GLN A 96 -5.78 2.02 -6.65
CA GLN A 96 -4.54 1.41 -6.17
C GLN A 96 -4.56 1.31 -4.67
N TYR A 97 -5.02 2.38 -4.02
CA TYR A 97 -5.09 2.42 -2.56
C TYR A 97 -6.03 1.34 -2.05
N ILE A 98 -7.17 1.18 -2.70
CA ILE A 98 -8.14 0.18 -2.30
C ILE A 98 -7.62 -1.22 -2.61
N GLN A 99 -7.10 -1.42 -3.81
CA GLN A 99 -6.57 -2.72 -4.21
C GLN A 99 -5.33 -3.09 -3.40
N CYS A 100 -4.69 -2.09 -2.80
CA CYS A 100 -3.48 -2.34 -2.02
C CYS A 100 -3.71 -2.34 -0.51
N LEU A 101 -4.79 -1.72 -0.03
CA LEU A 101 -5.02 -1.66 1.40
C LEU A 101 -6.35 -2.28 1.85
N TYR A 102 -7.19 -2.68 0.93
CA TYR A 102 -8.46 -3.29 1.32
C TYR A 102 -8.20 -4.65 1.94
N ALA A 103 -7.49 -5.50 1.22
CA ALA A 103 -7.17 -6.82 1.72
C ALA A 103 -6.08 -6.72 2.78
N PHE A 104 -5.20 -5.73 2.62
CA PHE A 104 -4.12 -5.50 3.57
C PHE A 104 -4.68 -5.20 4.96
N GLU A 105 -5.85 -4.59 5.02
CA GLU A 105 -6.45 -4.28 6.32
C GLU A 105 -6.69 -5.56 7.10
N CYS A 106 -7.24 -6.56 6.42
CA CYS A 106 -7.52 -7.85 7.04
C CYS A 106 -6.25 -8.66 7.24
N LYS A 107 -5.32 -8.51 6.32
CA LYS A 107 -4.06 -9.22 6.39
C LYS A 107 -3.12 -8.57 7.42
N ILE A 108 -3.30 -7.28 7.64
CA ILE A 108 -2.47 -6.56 8.61
C ILE A 108 -3.07 -6.62 10.00
N GLU A 109 -4.38 -6.89 10.07
CA GLU A 109 -5.07 -6.99 11.35
C GLU A 109 -4.66 -8.25 12.08
N ARG A 110 -3.90 -9.11 11.41
CA ARG A 110 -3.42 -10.34 12.01
C ARG A 110 -2.50 -10.00 13.17
N GLY A 111 -2.03 -8.75 13.16
CA GLY A 111 -1.16 -8.26 14.21
C GLY A 111 -1.60 -6.90 14.71
N GLU A 112 -2.52 -6.27 13.97
CA GLU A 112 -3.05 -4.96 14.34
C GLU A 112 -3.98 -5.10 15.54
N ASP A 113 -4.24 -6.35 15.93
CA ASP A 113 -5.11 -6.65 17.07
C ASP A 113 -5.17 -8.16 17.32
N PRO A 114 -4.15 -8.72 18.01
CA PRO A 114 -4.10 -10.16 18.33
C PRO A 114 -5.32 -10.63 19.12
N PRO A 115 -6.24 -11.41 18.49
CA PRO A 115 -7.44 -11.88 19.18
C PRO A 115 -7.16 -12.68 20.46
N PRO A 116 -6.29 -13.72 20.42
CA PRO A 116 -6.01 -14.55 21.60
C PRO A 116 -4.74 -14.12 22.34
N ASP A 117 -4.00 -13.18 21.77
CA ASP A 117 -2.75 -12.73 22.38
C ASP A 117 -1.82 -13.92 22.55
N ILE A 118 -1.78 -14.76 21.52
CA ILE A 118 -0.96 -15.97 21.50
C ILE A 118 0.42 -15.74 22.10
N PHE A 119 1.01 -14.58 21.84
CA PHE A 119 2.33 -14.26 22.36
C PHE A 119 2.44 -12.79 22.72
N ALA A 120 3.32 -12.48 23.67
CA ALA A 120 3.51 -11.10 24.13
C ALA A 120 4.64 -10.42 23.35
N SER A 1 6.87 4.53 -20.69
CA SER A 1 6.78 5.22 -19.38
C SER A 1 5.92 4.43 -18.40
N SER A 2 6.45 4.20 -17.21
CA SER A 2 5.73 3.46 -16.18
C SER A 2 5.67 4.25 -14.87
N THR A 3 4.59 4.07 -14.13
CA THR A 3 4.41 4.76 -12.86
C THR A 3 5.15 4.06 -11.72
N THR A 4 5.38 2.76 -11.90
CA THR A 4 6.08 1.96 -10.89
C THR A 4 7.59 2.10 -11.03
N THR A 5 8.25 2.40 -9.91
CA THR A 5 9.69 2.56 -9.88
C THR A 5 10.36 1.28 -10.40
N ASN A 6 11.59 1.41 -10.90
CA ASN A 6 12.33 0.26 -11.40
C ASN A 6 12.55 -0.76 -10.29
N GLU A 7 12.11 -0.40 -9.08
CA GLU A 7 12.23 -1.27 -7.92
C GLU A 7 10.92 -2.00 -7.62
N LYS A 8 11.00 -3.32 -7.48
CA LYS A 8 9.84 -4.13 -7.17
C LYS A 8 9.83 -4.45 -5.68
N ILE A 9 11.02 -4.68 -5.14
CA ILE A 9 11.21 -4.98 -3.73
C ILE A 9 11.40 -3.70 -2.91
N THR A 10 11.87 -3.84 -1.68
CA THR A 10 12.11 -2.69 -0.82
C THR A 10 12.91 -3.03 0.43
N LYS A 11 13.04 -4.32 0.75
CA LYS A 11 13.82 -4.69 1.92
C LYS A 11 15.24 -4.19 1.69
N LEU A 12 15.66 -4.27 0.43
CA LEU A 12 16.97 -3.82 0.01
C LEU A 12 17.12 -2.33 0.32
N TYR A 13 16.00 -1.62 0.17
CA TYR A 13 15.95 -0.18 0.42
C TYR A 13 16.34 0.15 1.86
N GLU A 14 16.16 -0.82 2.75
CA GLU A 14 16.48 -0.63 4.15
C GLU A 14 17.21 -1.85 4.72
N LEU A 15 18.52 -1.71 4.94
CA LEU A 15 19.32 -2.80 5.48
C LEU A 15 19.85 -2.46 6.87
N GLY A 16 19.78 -1.18 7.23
CA GLY A 16 20.26 -0.75 8.53
C GLY A 16 19.51 0.46 9.06
N GLY A 17 19.41 0.56 10.38
CA GLY A 17 18.70 1.69 10.98
C GLY A 17 17.22 1.45 11.11
N GLU A 18 16.75 0.33 10.54
CA GLU A 18 15.33 -0.01 10.59
C GLU A 18 15.12 -1.49 10.29
N PRO A 19 15.59 -2.38 11.20
CA PRO A 19 15.43 -3.82 11.04
C PRO A 19 13.97 -4.23 11.17
N GLU A 20 13.25 -3.53 12.03
CA GLU A 20 11.83 -3.82 12.24
C GLU A 20 11.03 -3.45 11.00
N ARG A 21 11.29 -2.27 10.46
CA ARG A 21 10.59 -1.81 9.26
C ARG A 21 11.04 -2.60 8.04
N LYS A 22 12.31 -2.99 8.01
CA LYS A 22 12.82 -3.77 6.90
C LYS A 22 12.23 -5.18 6.97
N MET A 23 11.99 -5.64 8.19
CA MET A 23 11.38 -6.95 8.38
C MET A 23 9.93 -6.90 7.93
N TRP A 24 9.22 -5.87 8.37
CA TRP A 24 7.82 -5.68 8.01
C TRP A 24 7.69 -5.50 6.51
N VAL A 25 8.63 -4.76 5.92
CA VAL A 25 8.61 -4.52 4.49
C VAL A 25 8.82 -5.86 3.77
N ASP A 26 9.74 -6.67 4.32
CA ASP A 26 10.03 -7.97 3.76
C ASP A 26 8.78 -8.85 3.80
N ARG A 27 8.02 -8.71 4.89
CA ARG A 27 6.79 -9.46 5.05
C ARG A 27 5.81 -9.09 3.95
N TYR A 28 5.66 -7.79 3.72
CA TYR A 28 4.76 -7.29 2.68
C TYR A 28 5.13 -7.91 1.33
N LEU A 29 6.43 -7.92 1.03
CA LEU A 29 6.90 -8.49 -0.22
C LEU A 29 6.58 -9.97 -0.30
N ALA A 30 6.82 -10.69 0.78
CA ALA A 30 6.52 -12.12 0.82
C ALA A 30 5.04 -12.32 0.57
N PHE A 31 4.25 -11.35 1.00
CA PHE A 31 2.80 -11.38 0.81
C PHE A 31 2.48 -11.17 -0.66
N THR A 32 3.17 -10.26 -1.33
CA THR A 32 2.90 -10.03 -2.74
C THR A 32 3.22 -11.26 -3.58
N GLU A 33 4.36 -11.91 -3.29
CA GLU A 33 4.76 -13.10 -4.03
C GLU A 33 3.90 -14.32 -3.68
N GLU A 34 3.57 -14.45 -2.40
CA GLU A 34 2.78 -15.60 -1.93
C GLU A 34 1.44 -15.73 -2.63
N LYS A 35 0.82 -14.61 -2.96
CA LYS A 35 -0.48 -14.62 -3.62
C LYS A 35 -0.37 -14.22 -5.08
N ALA A 36 0.85 -14.12 -5.59
CA ALA A 36 1.04 -13.71 -6.97
C ALA A 36 0.35 -12.36 -7.14
N MET A 37 0.40 -11.57 -6.08
CA MET A 37 -0.22 -10.26 -6.03
C MET A 37 0.22 -9.40 -7.21
N GLY A 38 1.40 -9.71 -7.75
CA GLY A 38 1.92 -8.98 -8.88
C GLY A 38 3.22 -9.55 -9.39
N MET A 39 4.08 -9.99 -8.47
CA MET A 39 5.38 -10.57 -8.81
C MET A 39 6.35 -9.49 -9.30
N THR A 40 5.79 -8.38 -9.80
CA THR A 40 6.60 -7.27 -10.28
C THR A 40 6.44 -6.08 -9.34
N ASN A 41 6.62 -4.87 -9.85
CA ASN A 41 6.50 -3.69 -9.01
C ASN A 41 5.08 -3.14 -9.05
N LEU A 42 4.51 -2.91 -7.87
CA LEU A 42 3.16 -2.39 -7.77
C LEU A 42 3.10 -1.25 -6.74
N PRO A 43 3.52 -1.50 -5.49
CA PRO A 43 3.53 -0.48 -4.43
C PRO A 43 4.64 0.56 -4.61
N ALA A 44 4.97 0.87 -5.86
CA ALA A 44 6.02 1.84 -6.15
C ALA A 44 5.44 3.16 -6.66
N VAL A 45 6.06 4.26 -6.26
CA VAL A 45 5.59 5.58 -6.67
C VAL A 45 6.48 6.19 -7.75
N GLY A 46 5.90 7.06 -8.56
CA GLY A 46 6.62 7.70 -9.66
C GLY A 46 8.09 7.94 -9.39
N ARG A 47 8.43 8.51 -8.24
CA ARG A 47 9.82 8.80 -7.92
C ARG A 47 10.51 7.60 -7.26
N LYS A 48 10.53 7.58 -5.92
CA LYS A 48 11.17 6.49 -5.19
C LYS A 48 10.33 5.22 -5.23
N PRO A 49 10.94 4.06 -4.94
CA PRO A 49 10.24 2.76 -4.94
C PRO A 49 9.06 2.76 -3.95
N LEU A 50 9.22 2.04 -2.84
CA LEU A 50 8.16 1.98 -1.83
C LEU A 50 8.61 2.68 -0.57
N ASP A 51 8.24 3.95 -0.44
CA ASP A 51 8.61 4.72 0.74
C ASP A 51 7.65 4.39 1.88
N LEU A 52 7.47 3.09 2.12
CA LEU A 52 6.56 2.61 3.15
C LEU A 52 6.96 3.09 4.54
N TYR A 53 8.24 3.05 4.87
CA TYR A 53 8.69 3.47 6.19
C TYR A 53 8.45 4.97 6.39
N ARG A 54 8.79 5.76 5.39
CA ARG A 54 8.59 7.21 5.46
C ARG A 54 7.11 7.53 5.39
N LEU A 55 6.41 6.75 4.58
CA LEU A 55 4.97 6.91 4.40
C LEU A 55 4.24 6.49 5.67
N TYR A 56 4.81 5.50 6.36
CA TYR A 56 4.26 4.99 7.60
C TYR A 56 4.38 6.03 8.71
N VAL A 57 5.57 6.58 8.89
CA VAL A 57 5.78 7.61 9.89
C VAL A 57 5.07 8.88 9.47
N SER A 58 5.02 9.10 8.16
CA SER A 58 4.36 10.27 7.63
C SER A 58 2.87 10.20 7.88
N VAL A 59 2.28 9.04 7.60
CA VAL A 59 0.84 8.88 7.82
C VAL A 59 0.53 8.97 9.30
N LYS A 60 1.45 8.49 10.13
CA LYS A 60 1.27 8.59 11.58
C LYS A 60 1.13 10.05 11.96
N GLU A 61 2.10 10.86 11.54
CA GLU A 61 2.09 12.30 11.80
C GLU A 61 0.94 12.98 11.07
N ILE A 62 0.59 12.40 9.92
CA ILE A 62 -0.49 12.92 9.08
C ILE A 62 -1.77 13.13 9.89
N GLY A 63 -2.05 12.19 10.78
CA GLY A 63 -3.25 12.28 11.59
C GLY A 63 -3.89 10.92 11.80
N GLY A 64 -3.71 10.05 10.81
CA GLY A 64 -4.27 8.72 10.87
C GLY A 64 -4.84 8.30 9.53
N LEU A 65 -5.30 7.06 9.43
CA LEU A 65 -5.84 6.53 8.17
C LEU A 65 -7.01 7.36 7.63
N THR A 66 -7.94 7.74 8.51
CA THR A 66 -9.09 8.52 8.08
C THR A 66 -8.69 9.90 7.57
N GLN A 67 -7.64 10.46 8.15
CA GLN A 67 -7.17 11.77 7.75
C GLN A 67 -6.60 11.75 6.34
N VAL A 68 -5.91 10.66 6.02
CA VAL A 68 -5.34 10.51 4.68
C VAL A 68 -6.43 10.34 3.64
N ASN A 69 -7.53 9.74 4.08
CA ASN A 69 -8.67 9.46 3.21
C ASN A 69 -9.47 10.70 2.81
N LYS A 70 -9.45 11.77 3.60
CA LYS A 70 -10.26 12.95 3.25
C LYS A 70 -9.63 14.30 3.61
N ASN A 71 -8.36 14.31 4.03
CA ASN A 71 -7.72 15.58 4.41
C ASN A 71 -6.81 16.11 3.29
N LYS A 72 -6.98 15.61 2.07
CA LYS A 72 -6.15 16.04 0.95
C LYS A 72 -4.71 15.66 1.23
N LYS A 73 -4.54 14.73 2.15
CA LYS A 73 -3.22 14.25 2.50
C LYS A 73 -2.49 13.74 1.28
N TRP A 74 -3.21 13.01 0.43
CA TRP A 74 -2.62 12.43 -0.76
C TRP A 74 -1.65 13.40 -1.43
N ARG A 75 -2.07 14.65 -1.55
CA ARG A 75 -1.20 15.64 -2.17
C ARG A 75 -0.01 15.93 -1.26
N GLU A 76 -0.26 15.90 0.05
CA GLU A 76 0.77 16.15 1.03
C GLU A 76 1.80 15.03 1.06
N LEU A 77 1.36 13.76 1.11
CA LEU A 77 2.30 12.64 1.12
C LEU A 77 3.00 12.53 -0.22
N ALA A 78 2.30 12.90 -1.29
CA ALA A 78 2.89 12.87 -2.61
C ALA A 78 4.04 13.86 -2.66
N THR A 79 3.80 15.04 -2.09
CA THR A 79 4.81 16.08 -2.03
C THR A 79 5.89 15.73 -1.00
N ASN A 80 5.47 15.11 0.10
CA ASN A 80 6.38 14.73 1.18
C ASN A 80 7.44 13.75 0.70
N LEU A 81 7.01 12.77 -0.08
CA LEU A 81 7.91 11.76 -0.61
C LEU A 81 8.51 12.21 -1.93
N ASN A 82 8.25 13.47 -2.29
CA ASN A 82 8.76 14.05 -3.53
C ASN A 82 8.44 13.15 -4.72
N VAL A 83 7.19 13.18 -5.16
CA VAL A 83 6.77 12.37 -6.30
C VAL A 83 6.41 13.26 -7.49
N GLY A 84 6.07 14.52 -7.20
CA GLY A 84 5.71 15.44 -8.26
C GLY A 84 4.76 16.54 -7.83
N THR A 85 3.76 16.19 -7.03
CA THR A 85 2.79 17.17 -6.56
C THR A 85 2.07 17.84 -7.72
N SER A 86 2.16 17.23 -8.90
CA SER A 86 1.54 17.78 -10.11
C SER A 86 0.08 17.34 -10.26
N SER A 87 -0.69 17.45 -9.19
CA SER A 87 -2.11 17.06 -9.19
C SER A 87 -2.29 15.56 -9.37
N SER A 88 -1.98 15.07 -10.57
CA SER A 88 -2.12 13.64 -10.86
C SER A 88 -1.28 12.81 -9.91
N ALA A 89 -0.23 13.43 -9.36
CA ALA A 89 0.64 12.75 -8.42
C ALA A 89 -0.14 12.31 -7.19
N ALA A 90 -1.11 13.12 -6.79
CA ALA A 90 -1.93 12.81 -5.62
C ALA A 90 -2.77 11.57 -5.88
N SER A 91 -3.39 11.49 -7.05
CA SER A 91 -4.22 10.35 -7.41
C SER A 91 -3.38 9.08 -7.44
N SER A 92 -2.21 9.17 -8.07
CA SER A 92 -1.31 8.02 -8.18
C SER A 92 -0.82 7.62 -6.80
N LEU A 93 -0.44 8.61 -5.98
CA LEU A 93 0.04 8.35 -4.64
C LEU A 93 -1.12 7.88 -3.77
N LYS A 94 -2.33 8.19 -4.20
CA LYS A 94 -3.53 7.77 -3.47
C LYS A 94 -3.69 6.26 -3.62
N LYS A 95 -3.68 5.80 -4.87
CA LYS A 95 -3.82 4.37 -5.15
C LYS A 95 -2.62 3.61 -4.61
N GLN A 96 -1.46 4.25 -4.64
CA GLN A 96 -0.24 3.63 -4.12
C GLN A 96 -0.32 3.52 -2.61
N TYR A 97 -0.78 4.59 -1.96
CA TYR A 97 -0.90 4.62 -0.52
C TYR A 97 -1.86 3.55 -0.04
N ILE A 98 -3.01 3.42 -0.72
CA ILE A 98 -3.98 2.42 -0.34
C ILE A 98 -3.45 1.02 -0.64
N GLN A 99 -2.91 0.83 -1.84
CA GLN A 99 -2.35 -0.45 -2.22
C GLN A 99 -1.15 -0.79 -1.35
N CYS A 100 -0.60 0.24 -0.69
CA CYS A 100 0.56 0.07 0.17
C CYS A 100 0.23 0.01 1.66
N LEU A 101 -0.88 0.60 2.08
CA LEU A 101 -1.20 0.63 3.51
C LEU A 101 -2.63 0.17 3.85
N TYR A 102 -3.40 -0.28 2.87
CA TYR A 102 -4.77 -0.72 3.17
C TYR A 102 -4.75 -1.99 4.01
N ALA A 103 -4.09 -3.02 3.51
CA ALA A 103 -3.98 -4.27 4.25
C ALA A 103 -2.92 -4.10 5.33
N PHE A 104 -1.92 -3.29 5.01
CA PHE A 104 -0.86 -3.00 5.96
C PHE A 104 -1.42 -2.33 7.19
N GLU A 105 -2.51 -1.57 7.02
CA GLU A 105 -3.14 -0.90 8.16
C GLU A 105 -3.56 -1.94 9.19
N CYS A 106 -4.21 -2.99 8.72
CA CYS A 106 -4.67 -4.06 9.59
C CYS A 106 -3.47 -4.84 10.12
N LYS A 107 -2.46 -4.93 9.27
CA LYS A 107 -1.24 -5.67 9.57
C LYS A 107 -0.31 -4.94 10.55
N ILE A 108 -0.30 -3.62 10.52
CA ILE A 108 0.59 -2.87 11.39
C ILE A 108 -0.04 -2.41 12.71
N GLU A 109 -1.25 -1.87 12.67
CA GLU A 109 -1.90 -1.36 13.89
C GLU A 109 -2.96 -2.31 14.48
N ARG A 110 -3.79 -2.88 13.63
CA ARG A 110 -4.86 -3.77 14.09
C ARG A 110 -4.28 -5.08 14.63
N GLY A 111 -5.01 -6.18 14.48
CA GLY A 111 -4.52 -7.47 14.94
C GLY A 111 -3.12 -7.72 14.44
N GLU A 112 -2.77 -7.02 13.37
CA GLU A 112 -1.46 -7.09 12.76
C GLU A 112 -1.21 -8.42 12.05
N ASP A 113 -0.81 -9.45 12.78
CA ASP A 113 -0.54 -10.73 12.17
C ASP A 113 -0.51 -11.89 13.17
N PRO A 114 0.17 -11.73 14.33
CA PRO A 114 0.24 -12.79 15.34
C PRO A 114 -1.08 -13.54 15.56
N PRO A 115 -2.23 -12.83 15.69
CA PRO A 115 -3.53 -13.47 15.89
C PRO A 115 -3.80 -14.59 14.88
N PRO A 116 -4.76 -15.47 15.15
CA PRO A 116 -5.09 -16.58 14.26
C PRO A 116 -5.98 -16.15 13.09
N ASP A 117 -7.26 -15.91 13.38
CA ASP A 117 -8.21 -15.51 12.35
C ASP A 117 -9.57 -15.22 12.98
N ILE A 118 -9.61 -15.17 14.31
CA ILE A 118 -10.85 -14.91 15.04
C ILE A 118 -11.46 -13.59 14.61
N PHE A 119 -12.75 -13.43 14.88
CA PHE A 119 -13.49 -12.21 14.53
C PHE A 119 -12.78 -10.97 15.07
N ALA A 120 -13.08 -9.82 14.47
CA ALA A 120 -12.47 -8.57 14.88
C ALA A 120 -13.08 -8.07 16.19
#